data_5UO5
#
_entry.id   5UO5
#
_cell.length_a   52.394
_cell.length_b   122.710
_cell.length_c   165.390
_cell.angle_alpha   90.00
_cell.angle_beta   90.00
_cell.angle_gamma   90.00
#
_symmetry.space_group_name_H-M   'P 21 21 21'
#
loop_
_entity.id
_entity.type
_entity.pdbx_description
1 polymer 'Nitric oxide synthase, brain'
2 non-polymer 'PROTOPORPHYRIN IX CONTAINING FE'
3 non-polymer 5,6,7,8-TETRAHYDROBIOPTERIN
4 non-polymer 3-[(2-amino-4-methylquinolin-7-yl)methoxy]-5-[(2R)-2-(methylamino)propyl]benzonitrile
5 non-polymer 3-[(2-amino-4-methylquinolin-7-yl)methoxy]-5-[(2S)-2-(methylamino)propyl]benzonitrile
6 non-polymer 'ZINC ION'
7 water water
#
_entity_poly.entity_id   1
_entity_poly.type   'polypeptide(L)'
_entity_poly.pdbx_seq_one_letter_code
;CPRFLKVKNWETEVVLTDTLHLKSTLETGCTEYICMGSIMHPSQHARRPEDVATKDQLFPLAKEFIDQYYSSIKRFGSKA
HMERLEEVNKEIDTTSTYQLKDTELIYGAKHAWRNASRCVGRIQWSKLQVFDARDCTTAHGMFNYICNHVKYATNKGNLR
SAITIFPQRTDGKHDFRVWNSQLIRYAGYKQPDGSTLGDPANVQFTEICIQQGWKPPRGRFDVLPLLLQANGNDPELFQI
PPELVLEVPIRHPKFEWFKDLGLKWYGLPAVSNMLLEIGGLEFSACPFSGWYMGTEIGVRDYCDNSRYNILEEVAKKMNL
DMRKTSSLWKDQALVEINIAVLYSFQSDKVTIVDHHSATESFIKHMENEYRCRGGCPADWVWIVPPMSGSITPVFHQEML
NYRLTPSFEYQPDPWNTHVWK
;
_entity_poly.pdbx_strand_id   A,B
#
# COMPACT_ATOMS: atom_id res chain seq x y z
N CYS A 1 5.82 -10.94 22.92
CA CYS A 1 5.34 -9.77 22.18
C CYS A 1 5.27 -8.55 23.10
N PRO A 2 5.77 -7.39 22.62
CA PRO A 2 5.81 -6.16 23.41
C PRO A 2 4.40 -5.65 23.76
N ARG A 3 4.25 -5.11 24.96
CA ARG A 3 2.96 -4.64 25.46
C ARG A 3 2.46 -3.41 24.72
N PHE A 4 3.39 -2.54 24.32
CA PHE A 4 3.04 -1.28 23.67
C PHE A 4 3.71 -1.15 22.29
N LEU A 5 2.90 -1.00 21.24
CA LEU A 5 3.45 -0.73 19.91
C LEU A 5 3.04 0.67 19.45
N LYS A 6 3.99 1.44 18.91
CA LYS A 6 3.68 2.81 18.51
C LYS A 6 3.54 2.96 17.02
N VAL A 7 2.53 3.71 16.57
CA VAL A 7 2.42 4.09 15.17
C VAL A 7 2.50 5.59 15.05
N LYS A 8 3.11 6.05 13.97
CA LYS A 8 3.34 7.46 13.73
C LYS A 8 2.63 7.89 12.46
N ASN A 9 2.15 9.13 12.46
CA ASN A 9 1.68 9.78 11.26
C ASN A 9 2.76 10.77 10.80
N TRP A 10 3.27 10.57 9.58
CA TRP A 10 4.48 11.27 9.15
C TRP A 10 4.18 12.66 8.62
N GLU A 11 2.91 12.99 8.56
CA GLU A 11 2.44 14.29 8.11
C GLU A 11 2.12 15.21 9.28
N THR A 12 1.57 14.64 10.35
CA THR A 12 1.14 15.41 11.51
C THR A 12 2.02 15.19 12.74
N GLU A 13 2.95 14.25 12.65
CA GLU A 13 3.83 13.83 13.76
C GLU A 13 3.09 13.15 14.92
N VAL A 14 1.77 13.06 14.86
CA VAL A 14 1.02 12.35 15.89
C VAL A 14 1.48 10.90 16.05
N VAL A 15 1.76 10.51 17.29
CA VAL A 15 2.11 9.14 17.63
C VAL A 15 1.02 8.49 18.50
N LEU A 16 0.63 7.28 18.11
CA LEU A 16 -0.41 6.53 18.80
C LEU A 16 0.18 5.24 19.36
N THR A 17 -0.43 4.74 20.41
CA THR A 17 0.08 3.60 21.16
C THR A 17 -0.96 2.49 21.16
N ASP A 18 -0.57 1.33 20.65
CA ASP A 18 -1.47 0.20 20.47
C ASP A 18 -1.23 -0.87 21.52
N THR A 19 -2.27 -1.21 22.28
CA THR A 19 -2.22 -2.34 23.20
C THR A 19 -3.19 -3.43 22.76
N LEU A 20 -4.14 -3.07 21.92
CA LEU A 20 -5.18 -4.02 21.47
C LEU A 20 -4.61 -5.21 20.70
N HIS A 21 -3.45 -5.03 20.06
CA HIS A 21 -2.81 -6.12 19.30
C HIS A 21 -2.56 -7.36 20.15
N LEU A 22 -2.49 -7.19 21.47
CA LEU A 22 -2.30 -8.30 22.40
C LEU A 22 -3.49 -9.28 22.39
N LYS A 23 -4.64 -8.83 21.94
CA LYS A 23 -5.82 -9.68 21.86
C LYS A 23 -5.91 -10.44 20.53
N SER A 24 -4.87 -10.33 19.72
CA SER A 24 -4.86 -10.93 18.39
C SER A 24 -5.13 -12.44 18.47
N THR A 25 -5.98 -12.96 17.57
CA THR A 25 -6.43 -14.34 17.72
C THR A 25 -5.89 -15.25 16.63
N LEU A 26 -5.91 -14.76 15.39
CA LEU A 26 -5.47 -15.58 14.27
C LEU A 26 -4.17 -15.04 13.70
N GLU A 27 -3.56 -15.81 12.80
CA GLU A 27 -2.29 -15.42 12.21
C GLU A 27 -2.51 -14.53 10.99
N THR A 28 -1.47 -13.79 10.62
CA THR A 28 -1.50 -12.88 9.48
C THR A 28 -0.93 -13.51 8.23
N GLY A 29 -0.02 -14.47 8.41
CA GLY A 29 0.73 -14.99 7.27
C GLY A 29 2.17 -14.53 7.32
N CYS A 30 2.40 -13.36 7.91
CA CYS A 30 3.75 -12.83 8.05
C CYS A 30 4.55 -13.68 9.02
N THR A 31 5.88 -13.57 8.95
CA THR A 31 6.78 -14.11 9.96
C THR A 31 7.84 -13.06 10.30
N GLU A 32 8.78 -13.42 11.13
CA GLU A 32 9.87 -12.51 11.49
C GLU A 32 10.76 -12.22 10.29
N TYR A 33 10.77 -13.14 9.33
CA TYR A 33 11.70 -13.07 8.21
C TYR A 33 11.04 -12.75 6.88
N ILE A 34 9.71 -12.81 6.83
CA ILE A 34 9.01 -12.41 5.62
C ILE A 34 7.72 -11.63 5.94
N CYS A 35 7.36 -10.70 5.06
CA CYS A 35 6.09 -10.02 5.23
C CYS A 35 5.18 -10.29 4.05
N MET A 36 3.95 -10.67 4.35
CA MET A 36 2.97 -11.05 3.34
C MET A 36 1.85 -10.06 3.23
N GLY A 37 2.09 -8.82 3.66
CA GLY A 37 1.03 -7.83 3.73
C GLY A 37 0.36 -7.43 2.43
N SER A 38 0.92 -7.83 1.28
CA SER A 38 0.25 -7.54 0.01
C SER A 38 -0.29 -8.82 -0.70
N ILE A 39 -0.23 -9.95 -0.01
CA ILE A 39 -0.88 -11.18 -0.48
C ILE A 39 -2.39 -11.09 -0.22
N MET A 40 -3.21 -11.32 -1.25
CA MET A 40 -4.65 -11.08 -1.10
C MET A 40 -5.31 -12.06 -0.11
N HIS A 41 -4.92 -13.32 -0.10
CA HIS A 41 -5.35 -14.24 0.96
C HIS A 41 -4.22 -15.13 1.46
N PRO A 42 -3.59 -14.77 2.59
CA PRO A 42 -2.57 -15.66 3.18
C PRO A 42 -3.17 -16.82 3.96
N PRO A 49 -11.91 -28.50 4.09
CA PRO A 49 -11.95 -29.91 4.47
C PRO A 49 -13.37 -30.41 4.79
N GLU A 50 -14.30 -29.46 4.88
CA GLU A 50 -15.74 -29.71 5.11
C GLU A 50 -16.08 -30.26 6.50
N ASP A 51 -15.17 -30.05 7.45
CA ASP A 51 -15.41 -30.46 8.83
C ASP A 51 -15.57 -29.23 9.73
N VAL A 52 -16.07 -29.46 10.94
CA VAL A 52 -16.46 -28.38 11.83
C VAL A 52 -15.71 -28.43 13.17
N ALA A 53 -15.90 -27.39 13.98
CA ALA A 53 -15.30 -27.34 15.31
C ALA A 53 -15.76 -28.50 16.17
N THR A 54 -14.81 -29.17 16.81
CA THR A 54 -15.11 -30.23 17.76
C THR A 54 -15.59 -29.59 19.06
N LYS A 55 -16.06 -30.41 20.01
CA LYS A 55 -16.51 -29.89 21.29
C LYS A 55 -15.37 -29.14 21.98
N ASP A 56 -14.21 -29.77 22.04
CA ASP A 56 -13.06 -29.23 22.77
C ASP A 56 -12.53 -27.96 22.13
N GLN A 57 -12.63 -27.88 20.80
CA GLN A 57 -12.27 -26.67 20.09
C GLN A 57 -13.23 -25.52 20.38
N LEU A 58 -14.50 -25.85 20.58
CA LEU A 58 -15.55 -24.84 20.61
C LEU A 58 -15.62 -24.13 21.97
N PHE A 59 -15.42 -24.89 23.06
CA PHE A 59 -15.48 -24.37 24.42
C PHE A 59 -14.68 -23.07 24.62
N PRO A 60 -13.36 -23.09 24.38
CA PRO A 60 -12.63 -21.86 24.70
C PRO A 60 -12.98 -20.69 23.76
N LEU A 61 -13.37 -21.00 22.52
CA LEU A 61 -13.77 -19.96 21.58
C LEU A 61 -15.05 -19.26 22.05
N ALA A 62 -15.99 -20.05 22.57
CA ALA A 62 -17.25 -19.51 23.07
C ALA A 62 -17.01 -18.68 24.34
N LYS A 63 -16.26 -19.24 25.27
CA LYS A 63 -15.91 -18.52 26.49
C LYS A 63 -15.26 -17.18 26.21
N GLU A 64 -14.28 -17.18 25.31
CA GLU A 64 -13.58 -15.95 24.93
C GLU A 64 -14.59 -14.91 24.45
N PHE A 65 -15.54 -15.33 23.63
CA PHE A 65 -16.52 -14.40 23.10
C PHE A 65 -17.53 -13.92 24.16
N ILE A 66 -18.03 -14.86 24.96
CA ILE A 66 -18.98 -14.52 26.01
C ILE A 66 -18.35 -13.56 27.02
N ASP A 67 -17.10 -13.83 27.40
CA ASP A 67 -16.34 -12.93 28.27
C ASP A 67 -16.28 -11.52 27.71
N GLN A 68 -15.98 -11.44 26.42
CA GLN A 68 -15.81 -10.17 25.77
C GLN A 68 -17.14 -9.42 25.70
N TYR A 69 -18.23 -10.14 25.47
CA TYR A 69 -19.54 -9.52 25.45
C TYR A 69 -19.96 -8.96 26.81
N TYR A 70 -19.78 -9.75 27.87
CA TYR A 70 -20.16 -9.28 29.19
C TYR A 70 -19.24 -8.18 29.68
N SER A 71 -18.02 -8.16 29.14
CA SER A 71 -17.10 -7.08 29.48
C SER A 71 -17.55 -5.78 28.81
N SER A 72 -18.13 -5.88 27.63
CA SER A 72 -18.57 -4.70 26.89
C SER A 72 -19.81 -4.04 27.50
N ILE A 73 -20.70 -4.84 28.08
CA ILE A 73 -21.89 -4.29 28.74
C ILE A 73 -21.66 -4.01 30.23
N LYS A 74 -20.40 -4.04 30.66
CA LYS A 74 -20.04 -3.71 32.05
C LYS A 74 -20.73 -4.63 33.06
N ARG A 75 -20.74 -5.92 32.74
CA ARG A 75 -21.33 -6.94 33.59
C ARG A 75 -20.40 -8.14 33.72
N PHE A 76 -19.10 -7.89 33.56
CA PHE A 76 -18.10 -8.95 33.62
C PHE A 76 -18.01 -9.53 35.03
N GLY A 77 -18.12 -10.84 35.16
CA GLY A 77 -18.08 -11.48 36.46
C GLY A 77 -19.43 -11.52 37.15
N SER A 78 -20.43 -10.92 36.54
CA SER A 78 -21.78 -10.89 37.11
C SER A 78 -22.44 -12.28 37.12
N LYS A 79 -23.51 -12.40 37.90
CA LYS A 79 -24.32 -13.61 37.94
C LYS A 79 -24.80 -14.02 36.54
N ALA A 80 -25.26 -13.03 35.77
CA ALA A 80 -25.73 -13.27 34.41
C ALA A 80 -24.62 -13.78 33.49
N HIS A 81 -23.41 -13.26 33.70
CA HIS A 81 -22.24 -13.68 32.95
C HIS A 81 -21.93 -15.15 33.24
N MET A 82 -21.76 -15.49 34.53
CA MET A 82 -21.51 -16.88 34.94
C MET A 82 -22.62 -17.85 34.53
N GLU A 83 -23.87 -17.41 34.57
CA GLU A 83 -24.98 -18.27 34.18
C GLU A 83 -24.94 -18.56 32.68
N ARG A 84 -24.62 -17.52 31.91
CA ARG A 84 -24.52 -17.63 30.47
C ARG A 84 -23.38 -18.58 30.08
N LEU A 85 -22.26 -18.50 30.79
CA LEU A 85 -21.14 -19.40 30.54
C LEU A 85 -21.53 -20.84 30.79
N GLU A 86 -22.21 -21.07 31.90
CA GLU A 86 -22.69 -22.40 32.27
C GLU A 86 -23.63 -23.00 31.23
N GLU A 87 -24.57 -22.19 30.78
CA GLU A 87 -25.59 -22.62 29.83
C GLU A 87 -24.99 -22.94 28.45
N VAL A 88 -24.04 -22.11 28.02
CA VAL A 88 -23.37 -22.34 26.76
C VAL A 88 -22.56 -23.61 26.84
N ASN A 89 -21.91 -23.80 27.98
CA ASN A 89 -21.04 -24.95 28.18
C ASN A 89 -21.85 -26.24 28.15
N LYS A 90 -23.01 -26.21 28.80
CA LYS A 90 -23.88 -27.37 28.80
C LYS A 90 -24.41 -27.65 27.40
N GLU A 91 -24.77 -26.60 26.67
CA GLU A 91 -25.23 -26.74 25.28
C GLU A 91 -24.18 -27.41 24.40
N ILE A 92 -22.96 -26.92 24.49
CA ILE A 92 -21.87 -27.47 23.71
C ILE A 92 -21.65 -28.92 24.10
N ASP A 93 -21.74 -29.21 25.39
CA ASP A 93 -21.47 -30.57 25.81
C ASP A 93 -22.57 -31.55 25.35
N THR A 94 -23.81 -31.09 25.24
CA THR A 94 -24.91 -31.99 24.90
C THR A 94 -25.28 -31.97 23.41
N THR A 95 -24.97 -30.87 22.71
CA THR A 95 -25.32 -30.77 21.29
C THR A 95 -24.11 -30.44 20.40
N SER A 96 -22.94 -30.35 21.02
CA SER A 96 -21.67 -30.03 20.32
C SER A 96 -21.74 -28.71 19.55
N THR A 97 -22.74 -27.88 19.86
CA THR A 97 -22.80 -26.51 19.36
C THR A 97 -23.60 -25.66 20.34
N TYR A 98 -23.82 -24.39 20.01
CA TYR A 98 -24.71 -23.57 20.82
C TYR A 98 -25.33 -22.47 19.99
N GLN A 99 -26.35 -21.83 20.54
CA GLN A 99 -27.03 -20.72 19.89
C GLN A 99 -26.74 -19.42 20.60
N LEU A 100 -26.45 -18.37 19.82
CA LEU A 100 -26.30 -17.03 20.36
C LEU A 100 -27.63 -16.39 20.71
N LYS A 101 -27.64 -15.58 21.75
CA LYS A 101 -28.78 -14.73 22.06
C LYS A 101 -28.82 -13.58 21.06
N ASP A 102 -29.99 -13.00 20.84
CA ASP A 102 -30.11 -11.88 19.90
C ASP A 102 -29.12 -10.74 20.20
N THR A 103 -29.00 -10.38 21.47
CA THR A 103 -28.07 -9.34 21.89
C THR A 103 -26.64 -9.68 21.49
N GLU A 104 -26.26 -10.94 21.67
CA GLU A 104 -24.91 -11.41 21.34
C GLU A 104 -24.66 -11.42 19.85
N LEU A 105 -25.69 -11.80 19.09
CA LEU A 105 -25.63 -11.85 17.63
C LEU A 105 -25.42 -10.45 17.07
N ILE A 106 -26.16 -9.50 17.61
CA ILE A 106 -26.06 -8.11 17.19
C ILE A 106 -24.68 -7.56 17.54
N TYR A 107 -24.26 -7.77 18.78
CA TYR A 107 -22.91 -7.39 19.22
C TYR A 107 -21.81 -8.00 18.32
N GLY A 108 -21.94 -9.28 17.99
CA GLY A 108 -20.95 -9.98 17.19
C GLY A 108 -20.81 -9.43 15.78
N ALA A 109 -21.93 -9.15 15.13
CA ALA A 109 -21.94 -8.62 13.77
C ALA A 109 -21.26 -7.25 13.70
N LYS A 110 -21.68 -6.37 14.61
CA LYS A 110 -21.11 -5.03 14.69
C LYS A 110 -19.61 -5.09 14.91
N HIS A 111 -19.14 -6.06 15.70
CA HIS A 111 -17.71 -6.11 15.98
C HIS A 111 -16.90 -6.77 14.86
N ALA A 112 -17.50 -7.69 14.12
CA ALA A 112 -16.85 -8.23 12.93
C ALA A 112 -16.53 -7.10 11.97
N TRP A 113 -17.46 -6.16 11.84
CA TRP A 113 -17.21 -4.97 11.05
C TRP A 113 -16.14 -4.07 11.69
N ARG A 114 -16.26 -3.83 13.00
CA ARG A 114 -15.31 -2.99 13.71
C ARG A 114 -13.89 -3.52 13.58
N ASN A 115 -13.79 -4.85 13.55
CA ASN A 115 -12.51 -5.54 13.46
C ASN A 115 -11.99 -5.73 12.04
N ALA A 116 -12.75 -5.26 11.03
CA ALA A 116 -12.38 -5.55 9.63
C ALA A 116 -11.26 -4.65 9.15
N SER A 117 -10.02 -5.12 9.23
CA SER A 117 -8.87 -4.24 9.00
CA SER A 117 -8.82 -4.32 8.96
C SER A 117 -8.84 -3.61 7.61
N ARG A 118 -9.45 -4.26 6.62
CA ARG A 118 -9.42 -3.70 5.27
C ARG A 118 -10.50 -2.66 4.96
N CYS A 119 -11.38 -2.38 5.93
CA CYS A 119 -12.51 -1.48 5.67
C CYS A 119 -12.25 -0.04 6.12
N VAL A 120 -12.29 0.88 5.16
CA VAL A 120 -12.11 2.30 5.44
C VAL A 120 -13.39 2.97 6.02
N GLY A 121 -14.52 2.28 5.96
CA GLY A 121 -15.78 2.87 6.38
C GLY A 121 -16.20 2.62 7.82
N ARG A 122 -15.31 2.06 8.62
CA ARG A 122 -15.66 1.59 9.94
C ARG A 122 -16.06 2.63 11.00
N ILE A 123 -15.97 3.92 10.70
CA ILE A 123 -16.41 4.92 11.67
C ILE A 123 -17.90 4.74 11.97
N GLN A 124 -18.55 4.00 11.08
CA GLN A 124 -19.99 3.79 11.09
C GLN A 124 -20.37 2.48 11.76
N TRP A 125 -19.37 1.76 12.27
CA TRP A 125 -19.57 0.37 12.67
C TRP A 125 -20.72 0.15 13.66
N SER A 126 -20.94 1.09 14.60
CA SER A 126 -21.95 0.82 15.63
C SER A 126 -23.37 1.07 15.09
N LYS A 127 -23.46 1.66 13.89
CA LYS A 127 -24.75 1.90 13.24
C LYS A 127 -25.00 0.85 12.17
N LEU A 128 -25.46 -0.31 12.60
CA LEU A 128 -25.67 -1.42 11.68
C LEU A 128 -26.98 -2.09 12.03
N GLN A 129 -27.94 -2.06 11.10
CA GLN A 129 -29.19 -2.77 11.31
C GLN A 129 -28.93 -4.26 11.12
N VAL A 130 -29.13 -5.04 12.19
CA VAL A 130 -28.93 -6.49 12.08
C VAL A 130 -30.25 -7.25 11.90
N PHE A 131 -30.37 -8.00 10.80
CA PHE A 131 -31.57 -8.82 10.56
C PHE A 131 -31.30 -10.29 10.87
N ASP A 132 -32.00 -10.82 11.85
CA ASP A 132 -31.86 -12.20 12.30
C ASP A 132 -32.73 -13.08 11.41
N ALA A 133 -32.10 -13.93 10.60
CA ALA A 133 -32.77 -14.86 9.70
C ALA A 133 -32.37 -16.28 10.03
N ARG A 134 -32.08 -16.54 11.30
CA ARG A 134 -31.70 -17.90 11.68
C ARG A 134 -32.89 -18.87 11.68
N ASP A 135 -34.11 -18.36 11.47
CA ASP A 135 -35.27 -19.25 11.35
C ASP A 135 -35.54 -19.67 9.89
N CYS A 136 -34.77 -19.13 8.95
CA CYS A 136 -34.91 -19.48 7.54
C CYS A 136 -34.67 -20.97 7.29
N THR A 137 -35.52 -21.60 6.49
CA THR A 137 -35.33 -23.01 6.17
C THR A 137 -35.16 -23.32 4.68
N THR A 138 -35.58 -22.41 3.81
CA THR A 138 -35.61 -22.66 2.36
C THR A 138 -35.06 -21.48 1.57
N ALA A 139 -34.83 -21.71 0.28
CA ALA A 139 -34.26 -20.69 -0.61
C ALA A 139 -35.27 -19.58 -0.93
N HIS A 140 -36.55 -19.94 -1.03
CA HIS A 140 -37.62 -18.94 -1.13
C HIS A 140 -37.63 -18.00 0.08
N GLY A 141 -37.41 -18.55 1.27
CA GLY A 141 -37.32 -17.75 2.47
C GLY A 141 -36.09 -16.84 2.46
N MET A 142 -34.98 -17.37 1.97
CA MET A 142 -33.74 -16.57 1.84
C MET A 142 -33.99 -15.38 0.92
N PHE A 143 -34.68 -15.66 -0.18
CA PHE A 143 -35.07 -14.61 -1.13
C PHE A 143 -35.89 -13.52 -0.45
N ASN A 144 -36.87 -13.94 0.36
CA ASN A 144 -37.71 -13.01 1.12
C ASN A 144 -36.87 -12.10 2.01
N TYR A 145 -35.99 -12.69 2.80
CA TYR A 145 -35.09 -11.93 3.67
C TYR A 145 -34.19 -10.94 2.91
N ILE A 146 -33.62 -11.40 1.80
CA ILE A 146 -32.72 -10.58 1.00
C ILE A 146 -33.47 -9.41 0.37
N CYS A 147 -34.68 -9.68 -0.14
CA CYS A 147 -35.48 -8.59 -0.71
C CYS A 147 -35.78 -7.52 0.34
N ASN A 148 -36.16 -7.96 1.54
CA ASN A 148 -36.43 -7.01 2.62
C ASN A 148 -35.14 -6.26 2.99
N HIS A 149 -34.03 -6.97 2.96
CA HIS A 149 -32.74 -6.34 3.27
C HIS A 149 -32.48 -5.23 2.25
N VAL A 150 -32.59 -5.57 0.97
CA VAL A 150 -32.30 -4.61 -0.10
C VAL A 150 -33.19 -3.36 0.03
N LYS A 151 -34.49 -3.57 0.19
CA LYS A 151 -35.42 -2.45 0.29
C LYS A 151 -35.11 -1.53 1.47
N TYR A 152 -34.86 -2.14 2.63
CA TYR A 152 -34.49 -1.37 3.82
C TYR A 152 -33.20 -0.57 3.63
N ALA A 153 -32.14 -1.25 3.19
CA ALA A 153 -30.81 -0.64 3.06
C ALA A 153 -30.83 0.45 1.99
N THR A 154 -31.64 0.26 0.96
CA THR A 154 -31.66 1.25 -0.11
C THR A 154 -32.38 2.49 0.33
N ASN A 155 -33.58 2.31 0.93
CA ASN A 155 -34.26 3.43 1.56
C ASN A 155 -34.42 4.62 0.61
N LYS A 156 -34.80 4.34 -0.63
CA LYS A 156 -34.95 5.35 -1.69
C LYS A 156 -33.73 6.23 -1.95
N GLY A 157 -32.53 5.70 -1.74
CA GLY A 157 -31.31 6.45 -2.00
C GLY A 157 -30.60 6.95 -0.76
N ASN A 158 -31.30 6.95 0.36
CA ASN A 158 -30.73 7.32 1.65
C ASN A 158 -30.22 6.06 2.35
N LEU A 159 -29.11 5.52 1.88
CA LEU A 159 -28.74 4.16 2.23
C LEU A 159 -28.39 4.00 3.71
N ARG A 160 -28.71 2.83 4.24
CA ARG A 160 -28.49 2.49 5.64
C ARG A 160 -27.74 1.17 5.68
N SER A 161 -26.68 1.09 6.48
CA SER A 161 -25.90 -0.14 6.53
C SER A 161 -26.70 -1.28 7.21
N ALA A 162 -26.59 -2.50 6.69
CA ALA A 162 -27.35 -3.61 7.23
C ALA A 162 -26.68 -4.95 6.98
N ILE A 163 -27.02 -5.93 7.82
CA ILE A 163 -26.59 -7.32 7.61
C ILE A 163 -27.77 -8.27 7.89
N THR A 164 -27.86 -9.32 7.08
CA THR A 164 -28.86 -10.36 7.27
C THR A 164 -28.11 -11.64 7.55
N ILE A 165 -28.41 -12.28 8.68
CA ILE A 165 -27.67 -13.46 9.10
C ILE A 165 -28.53 -14.71 9.04
N PHE A 166 -28.13 -15.66 8.20
CA PHE A 166 -28.85 -16.91 7.99
C PHE A 166 -28.27 -17.93 8.98
N PRO A 167 -28.91 -19.12 9.13
CA PRO A 167 -28.44 -20.10 10.13
C PRO A 167 -26.96 -20.47 10.02
N GLN A 168 -26.33 -20.66 11.18
CA GLN A 168 -24.94 -21.06 11.23
C GLN A 168 -24.71 -22.46 10.68
N ARG A 169 -23.45 -22.78 10.43
CA ARG A 169 -23.06 -24.10 9.97
C ARG A 169 -23.28 -25.13 11.07
N THR A 170 -23.70 -26.33 10.67
CA THR A 170 -23.86 -27.41 11.63
C THR A 170 -22.81 -28.46 11.36
N ASP A 171 -23.11 -29.42 10.49
CA ASP A 171 -22.13 -30.45 10.17
C ASP A 171 -21.34 -30.12 8.91
N GLY A 172 -21.67 -29.01 8.26
CA GLY A 172 -21.01 -28.62 7.02
C GLY A 172 -21.61 -29.17 5.74
N LYS A 173 -22.64 -30.01 5.88
CA LYS A 173 -23.32 -30.56 4.72
C LYS A 173 -24.69 -29.92 4.59
N HIS A 174 -24.92 -28.90 5.41
CA HIS A 174 -26.20 -28.22 5.42
C HIS A 174 -26.01 -26.72 5.38
N ASP A 175 -24.94 -26.29 4.73
CA ASP A 175 -24.60 -24.87 4.69
C ASP A 175 -25.67 -24.03 3.98
N PHE A 176 -25.96 -22.86 4.52
CA PHE A 176 -26.66 -21.82 3.78
C PHE A 176 -25.61 -21.01 3.01
N ARG A 177 -25.81 -20.78 1.73
CA ARG A 177 -24.90 -19.94 0.96
C ARG A 177 -25.63 -19.05 -0.03
N VAL A 178 -25.23 -17.80 -0.11
CA VAL A 178 -25.53 -17.01 -1.29
C VAL A 178 -24.38 -17.20 -2.30
N TRP A 179 -24.67 -17.80 -3.45
CA TRP A 179 -23.64 -18.07 -4.44
C TRP A 179 -23.12 -16.79 -5.07
N ASN A 180 -23.96 -15.77 -5.20
CA ASN A 180 -23.53 -14.44 -5.62
C ASN A 180 -22.42 -13.89 -4.75
N SER A 181 -21.54 -13.08 -5.33
CA SER A 181 -20.48 -12.41 -4.56
C SER A 181 -20.98 -11.08 -4.00
N GLN A 182 -21.86 -10.43 -4.75
CA GLN A 182 -22.68 -9.34 -4.21
C GLN A 182 -24.14 -9.61 -4.58
N LEU A 183 -25.08 -9.08 -3.77
CA LEU A 183 -26.50 -9.29 -4.05
C LEU A 183 -26.86 -8.67 -5.39
N ILE A 184 -26.27 -7.53 -5.68
CA ILE A 184 -26.51 -6.86 -6.96
C ILE A 184 -25.20 -6.73 -7.74
N ARG A 185 -25.11 -7.41 -8.89
CA ARG A 185 -23.97 -7.29 -9.82
C ARG A 185 -24.45 -7.48 -11.26
N TYR A 186 -23.67 -6.97 -12.20
CA TYR A 186 -24.02 -7.10 -13.61
C TYR A 186 -23.35 -8.31 -14.24
N ALA A 187 -24.08 -8.95 -15.17
CA ALA A 187 -23.59 -10.11 -15.91
C ALA A 187 -22.42 -9.80 -16.85
N GLY A 188 -21.55 -10.78 -17.02
CA GLY A 188 -20.52 -10.74 -18.06
C GLY A 188 -20.68 -11.91 -19.02
N TYR A 189 -20.55 -11.64 -20.31
CA TYR A 189 -20.69 -12.68 -21.33
C TYR A 189 -19.47 -12.77 -22.25
N LYS A 190 -18.74 -13.87 -22.17
CA LYS A 190 -17.64 -14.12 -23.12
C LYS A 190 -18.23 -14.46 -24.49
N GLN A 191 -17.70 -13.81 -25.52
CA GLN A 191 -18.15 -14.04 -26.89
C GLN A 191 -17.26 -15.08 -27.58
N PRO A 192 -17.78 -15.71 -28.64
CA PRO A 192 -16.96 -16.62 -29.47
C PRO A 192 -15.69 -15.97 -30.01
N ASP A 193 -15.72 -14.67 -30.27
CA ASP A 193 -14.56 -13.98 -30.81
C ASP A 193 -13.54 -13.60 -29.72
N GLY A 194 -13.87 -13.89 -28.47
CA GLY A 194 -12.95 -13.63 -27.37
C GLY A 194 -13.19 -12.33 -26.62
N SER A 195 -14.03 -11.46 -27.16
CA SER A 195 -14.40 -10.23 -26.45
C SER A 195 -15.38 -10.53 -25.31
N THR A 196 -15.65 -9.55 -24.46
CA THR A 196 -16.59 -9.72 -23.36
C THR A 196 -17.64 -8.62 -23.33
N LEU A 197 -18.90 -9.01 -23.16
CA LEU A 197 -19.98 -8.05 -22.97
C LEU A 197 -20.36 -8.00 -21.50
N GLY A 198 -20.67 -6.81 -20.99
CA GLY A 198 -20.98 -6.64 -19.59
C GLY A 198 -19.73 -6.59 -18.72
N ASP A 199 -19.83 -7.10 -17.49
CA ASP A 199 -18.74 -7.02 -16.54
C ASP A 199 -17.86 -8.27 -16.55
N PRO A 200 -16.60 -8.12 -17.01
CA PRO A 200 -15.74 -9.30 -17.16
C PRO A 200 -15.48 -10.03 -15.83
N ALA A 201 -15.55 -9.32 -14.70
CA ALA A 201 -15.40 -9.97 -13.39
C ALA A 201 -16.44 -11.06 -13.09
N ASN A 202 -17.57 -11.06 -13.79
CA ASN A 202 -18.65 -11.97 -13.41
C ASN A 202 -19.00 -13.04 -14.44
N VAL A 203 -18.06 -13.30 -15.35
CA VAL A 203 -18.29 -14.25 -16.43
C VAL A 203 -18.54 -15.67 -15.92
N GLN A 204 -17.75 -16.11 -14.93
CA GLN A 204 -17.90 -17.47 -14.43
C GLN A 204 -19.26 -17.63 -13.75
N PHE A 205 -19.63 -16.67 -12.90
CA PHE A 205 -20.87 -16.80 -12.15
C PHE A 205 -22.09 -16.71 -13.08
N THR A 206 -21.98 -15.80 -14.06
CA THR A 206 -22.98 -15.67 -15.09
C THR A 206 -23.18 -16.99 -15.84
N GLU A 207 -22.07 -17.66 -16.19
CA GLU A 207 -22.16 -18.94 -16.87
C GLU A 207 -22.90 -19.98 -16.00
N ILE A 208 -22.61 -20.00 -14.71
CA ILE A 208 -23.29 -20.90 -13.78
C ILE A 208 -24.80 -20.62 -13.76
N CYS A 209 -25.18 -19.34 -13.73
CA CYS A 209 -26.61 -18.98 -13.72
C CYS A 209 -27.31 -19.45 -14.97
N ILE A 210 -26.64 -19.26 -16.10
CA ILE A 210 -27.21 -19.65 -17.37
C ILE A 210 -27.38 -21.16 -17.40
N GLN A 211 -26.41 -21.90 -16.85
CA GLN A 211 -26.54 -23.34 -16.80
C GLN A 211 -27.70 -23.75 -15.89
N GLN A 212 -27.91 -22.97 -14.82
CA GLN A 212 -28.95 -23.27 -13.86
C GLN A 212 -30.34 -22.92 -14.37
N GLY A 213 -30.43 -22.37 -15.58
CA GLY A 213 -31.71 -22.09 -16.20
C GLY A 213 -32.03 -20.64 -16.48
N TRP A 214 -31.10 -19.75 -16.12
CA TRP A 214 -31.34 -18.33 -16.31
C TRP A 214 -31.33 -17.98 -17.78
N LYS A 215 -32.35 -17.27 -18.24
CA LYS A 215 -32.35 -16.74 -19.60
C LYS A 215 -31.72 -15.34 -19.60
N PRO A 216 -30.51 -15.22 -20.16
CA PRO A 216 -29.76 -13.95 -20.13
C PRO A 216 -30.22 -12.96 -21.19
N PRO A 217 -30.44 -11.69 -20.79
CA PRO A 217 -30.76 -10.64 -21.78
C PRO A 217 -29.61 -10.35 -22.73
N ARG A 218 -28.38 -10.70 -22.32
CA ARG A 218 -27.16 -10.44 -23.07
C ARG A 218 -26.97 -8.96 -23.40
N GLY A 219 -27.00 -8.14 -22.34
CA GLY A 219 -26.75 -6.72 -22.44
C GLY A 219 -25.50 -6.30 -21.66
N ARG A 220 -25.26 -5.01 -21.57
CA ARG A 220 -24.05 -4.51 -20.94
C ARG A 220 -24.18 -4.39 -19.41
N PHE A 221 -25.42 -4.20 -18.97
CA PHE A 221 -25.72 -4.00 -17.55
C PHE A 221 -26.94 -4.81 -17.11
N ASP A 222 -26.87 -6.12 -17.26
CA ASP A 222 -27.97 -6.99 -16.81
C ASP A 222 -27.75 -7.43 -15.38
N VAL A 223 -28.66 -7.01 -14.49
CA VAL A 223 -28.63 -7.46 -13.11
C VAL A 223 -28.74 -8.97 -13.04
N LEU A 224 -27.83 -9.59 -12.31
CA LEU A 224 -27.81 -11.04 -12.17
C LEU A 224 -28.90 -11.51 -11.22
N PRO A 225 -29.34 -12.76 -11.40
CA PRO A 225 -30.32 -13.31 -10.46
C PRO A 225 -29.64 -13.78 -9.19
N LEU A 226 -30.38 -13.89 -8.09
CA LEU A 226 -29.84 -14.50 -6.89
C LEU A 226 -29.77 -16.00 -7.08
N LEU A 227 -28.69 -16.60 -6.60
CA LEU A 227 -28.51 -18.05 -6.63
C LEU A 227 -28.31 -18.44 -5.18
N LEU A 228 -29.35 -19.07 -4.62
CA LEU A 228 -29.50 -19.18 -3.17
C LEU A 228 -29.58 -20.63 -2.71
N GLN A 229 -28.72 -20.97 -1.77
CA GLN A 229 -28.63 -22.32 -1.26
C GLN A 229 -29.04 -22.34 0.22
N ALA A 230 -30.07 -23.14 0.52
CA ALA A 230 -30.56 -23.27 1.90
C ALA A 230 -30.31 -24.67 2.40
N ASN A 231 -29.78 -24.75 3.62
CA ASN A 231 -29.66 -26.04 4.30
C ASN A 231 -28.93 -27.12 3.46
N GLY A 232 -27.92 -26.69 2.72
CA GLY A 232 -27.13 -27.62 1.92
C GLY A 232 -27.77 -28.18 0.67
N ASN A 233 -28.99 -27.76 0.35
CA ASN A 233 -29.64 -28.24 -0.89
C ASN A 233 -29.07 -27.54 -2.12
N ASP A 234 -29.35 -28.08 -3.31
CA ASP A 234 -28.95 -27.44 -4.57
C ASP A 234 -29.46 -26.00 -4.56
N PRO A 235 -28.68 -25.06 -5.09
CA PRO A 235 -29.13 -23.67 -5.04
C PRO A 235 -30.26 -23.39 -6.04
N GLU A 236 -31.02 -22.33 -5.81
CA GLU A 236 -32.16 -22.01 -6.66
C GLU A 236 -32.10 -20.54 -7.11
N LEU A 237 -32.59 -20.30 -8.32
CA LEU A 237 -32.59 -18.97 -8.93
C LEU A 237 -33.82 -18.11 -8.61
N PHE A 238 -33.57 -16.81 -8.40
CA PHE A 238 -34.65 -15.86 -8.16
C PHE A 238 -34.31 -14.52 -8.83
N GLN A 239 -35.28 -13.89 -9.47
CA GLN A 239 -35.06 -12.55 -9.99
C GLN A 239 -35.39 -11.51 -8.94
N ILE A 240 -34.47 -10.58 -8.71
CA ILE A 240 -34.72 -9.48 -7.79
C ILE A 240 -35.69 -8.52 -8.48
N PRO A 241 -36.79 -8.18 -7.79
CA PRO A 241 -37.78 -7.24 -8.37
C PRO A 241 -37.08 -5.95 -8.76
N PRO A 242 -37.15 -5.59 -10.06
CA PRO A 242 -36.36 -4.48 -10.62
C PRO A 242 -36.59 -3.16 -9.87
N GLU A 243 -37.76 -3.00 -9.26
CA GLU A 243 -38.08 -1.78 -8.52
C GLU A 243 -37.27 -1.69 -7.24
N LEU A 244 -36.73 -2.82 -6.78
CA LEU A 244 -35.85 -2.82 -5.61
C LEU A 244 -34.38 -2.53 -5.96
N VAL A 245 -34.06 -2.41 -7.24
CA VAL A 245 -32.66 -2.20 -7.63
C VAL A 245 -32.43 -0.76 -8.05
N LEU A 246 -31.93 0.04 -7.12
CA LEU A 246 -31.67 1.44 -7.43
C LEU A 246 -30.41 1.57 -8.31
N GLU A 247 -30.52 2.33 -9.41
CA GLU A 247 -29.40 2.55 -10.31
C GLU A 247 -29.21 4.04 -10.60
N VAL A 248 -27.96 4.41 -10.89
CA VAL A 248 -27.59 5.79 -11.24
C VAL A 248 -26.97 5.87 -12.64
N PRO A 249 -27.59 6.62 -13.56
CA PRO A 249 -26.90 6.84 -14.84
C PRO A 249 -25.74 7.82 -14.68
N ILE A 250 -24.58 7.50 -15.23
CA ILE A 250 -23.41 8.34 -15.02
C ILE A 250 -23.32 9.44 -16.07
N ARG A 251 -23.32 10.68 -15.59
CA ARG A 251 -23.13 11.85 -16.42
C ARG A 251 -22.07 12.75 -15.78
N HIS A 252 -21.65 13.79 -16.48
CA HIS A 252 -20.53 14.61 -16.05
C HIS A 252 -20.98 16.06 -16.04
N PRO A 253 -20.57 16.82 -15.01
CA PRO A 253 -21.00 18.22 -14.88
C PRO A 253 -20.55 19.12 -16.05
N LYS A 254 -19.33 18.92 -16.57
CA LYS A 254 -18.85 19.77 -17.67
C LYS A 254 -19.01 19.12 -19.05
N PHE A 255 -18.70 17.83 -19.13
CA PHE A 255 -18.71 17.10 -20.40
C PHE A 255 -20.08 16.56 -20.75
N GLU A 256 -20.78 17.21 -21.68
CA GLU A 256 -22.13 16.81 -22.04
C GLU A 256 -22.14 15.45 -22.72
N TRP A 257 -21.03 15.11 -23.37
CA TRP A 257 -20.93 13.86 -24.11
C TRP A 257 -20.80 12.64 -23.21
N PHE A 258 -20.53 12.85 -21.92
CA PHE A 258 -20.29 11.73 -21.02
C PHE A 258 -21.51 10.82 -20.87
N LYS A 259 -22.71 11.40 -20.88
CA LYS A 259 -23.92 10.58 -20.79
C LYS A 259 -24.07 9.67 -22.02
N ASP A 260 -23.50 10.08 -23.15
CA ASP A 260 -23.60 9.29 -24.37
C ASP A 260 -22.81 7.97 -24.29
N LEU A 261 -21.92 7.87 -23.31
CA LEU A 261 -21.17 6.63 -23.08
C LEU A 261 -22.07 5.51 -22.57
N GLY A 262 -23.28 5.88 -22.14
CA GLY A 262 -24.28 4.93 -21.67
C GLY A 262 -23.93 4.12 -20.44
N LEU A 263 -23.10 4.68 -19.56
CA LEU A 263 -22.77 3.99 -18.31
C LEU A 263 -23.78 4.27 -17.20
N LYS A 264 -23.91 3.30 -16.31
CA LYS A 264 -24.68 3.43 -15.09
C LYS A 264 -24.08 2.48 -14.08
N TRP A 265 -24.43 2.65 -12.80
CA TRP A 265 -24.05 1.67 -11.80
C TRP A 265 -25.20 1.52 -10.81
N TYR A 266 -25.14 0.50 -9.97
CA TYR A 266 -26.17 0.31 -8.96
C TYR A 266 -25.79 0.99 -7.63
N GLY A 267 -26.80 1.42 -6.86
CA GLY A 267 -26.55 2.19 -5.66
C GLY A 267 -26.06 1.42 -4.45
N LEU A 268 -26.43 0.15 -4.34
CA LEU A 268 -26.21 -0.60 -3.10
C LEU A 268 -25.09 -1.65 -3.21
N PRO A 269 -23.93 -1.40 -2.55
CA PRO A 269 -22.90 -2.44 -2.54
C PRO A 269 -23.18 -3.42 -1.42
N ALA A 270 -23.41 -4.69 -1.75
CA ALA A 270 -23.89 -5.67 -0.78
C ALA A 270 -23.14 -6.96 -0.96
N VAL A 271 -22.07 -7.13 -0.21
CA VAL A 271 -21.21 -8.31 -0.34
C VAL A 271 -21.82 -9.51 0.36
N SER A 272 -21.87 -10.64 -0.35
CA SER A 272 -22.66 -11.79 0.10
C SER A 272 -21.89 -13.10 0.09
N ASN A 273 -20.58 -13.08 -0.07
CA ASN A 273 -19.88 -14.36 -0.15
C ASN A 273 -18.89 -14.56 0.97
N MET A 274 -18.95 -13.69 1.97
CA MET A 274 -18.03 -13.82 3.09
C MET A 274 -18.65 -14.61 4.23
N LEU A 275 -17.79 -15.10 5.11
CA LEU A 275 -18.25 -15.84 6.27
C LEU A 275 -18.12 -14.99 7.54
N LEU A 276 -19.18 -14.99 8.35
CA LEU A 276 -19.14 -14.31 9.64
C LEU A 276 -18.82 -15.31 10.76
N GLU A 277 -17.75 -15.03 11.51
CA GLU A 277 -17.34 -15.93 12.56
C GLU A 277 -17.56 -15.26 13.93
N ILE A 278 -18.37 -15.87 14.78
CA ILE A 278 -18.65 -15.36 16.13
C ILE A 278 -18.59 -16.46 17.17
N GLY A 279 -17.69 -16.30 18.14
CA GLY A 279 -17.56 -17.24 19.24
C GLY A 279 -17.39 -18.67 18.78
N GLY A 280 -16.67 -18.86 17.68
CA GLY A 280 -16.48 -20.17 17.12
C GLY A 280 -17.64 -20.65 16.23
N LEU A 281 -18.71 -19.88 16.15
CA LEU A 281 -19.80 -20.25 15.27
C LEU A 281 -19.58 -19.67 13.89
N GLU A 282 -19.98 -20.41 12.85
CA GLU A 282 -19.77 -19.99 11.47
C GLU A 282 -21.06 -19.69 10.72
N PHE A 283 -21.24 -18.42 10.37
CA PHE A 283 -22.39 -18.02 9.57
C PHE A 283 -21.95 -17.85 8.11
N SER A 284 -22.15 -18.90 7.33
CA SER A 284 -21.67 -18.94 5.94
C SER A 284 -22.50 -18.13 4.96
N ALA A 285 -23.64 -17.60 5.41
CA ALA A 285 -24.47 -16.72 4.58
C ALA A 285 -24.89 -15.53 5.44
N CYS A 286 -24.28 -14.38 5.16
CA CYS A 286 -24.41 -13.18 5.99
C CYS A 286 -24.26 -11.91 5.16
N PRO A 287 -25.10 -11.74 4.14
CA PRO A 287 -24.93 -10.55 3.29
C PRO A 287 -25.00 -9.23 4.05
N PHE A 288 -24.00 -8.38 3.85
CA PHE A 288 -23.95 -7.08 4.49
C PHE A 288 -23.74 -5.98 3.46
N SER A 289 -24.30 -4.81 3.73
CA SER A 289 -24.23 -3.73 2.75
C SER A 289 -23.98 -2.40 3.44
N GLY A 290 -23.38 -1.46 2.71
CA GLY A 290 -23.20 -0.10 3.16
C GLY A 290 -23.57 0.86 2.03
N TRP A 291 -22.74 1.88 1.83
CA TRP A 291 -22.83 2.72 0.64
C TRP A 291 -21.44 2.80 -0.01
N TYR A 292 -21.36 3.32 -1.23
CA TYR A 292 -20.10 3.29 -1.96
C TYR A 292 -19.11 4.42 -1.62
N MET A 293 -17.82 4.11 -1.68
CA MET A 293 -16.80 5.14 -1.90
C MET A 293 -16.65 5.26 -3.41
N GLY A 294 -16.65 6.49 -3.93
CA GLY A 294 -16.60 6.74 -5.36
C GLY A 294 -15.62 5.90 -6.17
N THR A 295 -14.41 5.74 -5.64
CA THR A 295 -13.34 5.07 -6.38
C THR A 295 -13.60 3.58 -6.59
N GLU A 296 -14.47 2.99 -5.76
CA GLU A 296 -14.82 1.59 -5.92
C GLU A 296 -15.47 1.39 -7.28
N ILE A 297 -16.29 2.36 -7.66
CA ILE A 297 -16.92 2.37 -8.97
C ILE A 297 -16.02 2.99 -10.04
N GLY A 298 -15.52 4.20 -9.76
CA GLY A 298 -14.87 5.03 -10.77
C GLY A 298 -13.43 4.65 -11.11
N VAL A 299 -12.75 3.93 -10.22
CA VAL A 299 -11.41 3.48 -10.54
C VAL A 299 -11.37 1.98 -10.83
N ARG A 300 -11.89 1.19 -9.89
CA ARG A 300 -11.77 -0.26 -10.03
C ARG A 300 -12.81 -0.82 -11.01
N ASP A 301 -14.10 -0.60 -10.74
CA ASP A 301 -15.18 -1.16 -11.58
C ASP A 301 -15.10 -0.75 -13.06
N TYR A 302 -14.71 0.51 -13.31
CA TYR A 302 -14.72 1.08 -14.65
C TYR A 302 -13.37 1.08 -15.37
N CYS A 303 -12.28 1.24 -14.61
CA CYS A 303 -10.97 1.48 -15.20
C CYS A 303 -9.94 0.35 -15.02
N ASP A 304 -10.29 -0.68 -14.25
CA ASP A 304 -9.47 -1.88 -14.23
C ASP A 304 -9.46 -2.45 -15.64
N ASN A 305 -8.28 -2.92 -16.07
CA ASN A 305 -8.15 -3.56 -17.37
C ASN A 305 -9.04 -4.80 -17.50
N SER A 306 -9.10 -5.60 -16.43
CA SER A 306 -9.94 -6.79 -16.41
C SER A 306 -11.39 -6.52 -15.99
N ARG A 307 -11.81 -5.26 -15.99
CA ARG A 307 -13.21 -4.92 -15.72
C ARG A 307 -13.80 -4.20 -16.93
N TYR A 308 -14.55 -3.11 -16.71
CA TYR A 308 -15.20 -2.44 -17.83
C TYR A 308 -14.20 -1.69 -18.74
N ASN A 309 -13.08 -1.26 -18.18
CA ASN A 309 -11.92 -0.77 -18.97
C ASN A 309 -12.25 0.36 -19.96
N ILE A 310 -12.77 1.47 -19.43
CA ILE A 310 -13.30 2.56 -20.28
C ILE A 310 -12.32 3.73 -20.50
N LEU A 311 -11.15 3.65 -19.86
CA LEU A 311 -10.15 4.72 -19.95
C LEU A 311 -9.89 5.21 -21.37
N GLU A 312 -9.71 4.26 -22.29
CA GLU A 312 -9.43 4.60 -23.67
C GLU A 312 -10.57 5.42 -24.29
N GLU A 313 -11.80 4.93 -24.17
CA GLU A 313 -12.93 5.61 -24.79
C GLU A 313 -13.14 7.00 -24.20
N VAL A 314 -12.98 7.13 -22.87
CA VAL A 314 -13.10 8.44 -22.24
C VAL A 314 -12.00 9.39 -22.72
N ALA A 315 -10.77 8.88 -22.77
CA ALA A 315 -9.63 9.68 -23.21
C ALA A 315 -9.80 10.17 -24.66
N LYS A 316 -10.36 9.31 -25.52
CA LYS A 316 -10.61 9.66 -26.91
C LYS A 316 -11.64 10.79 -27.06
N LYS A 317 -12.68 10.77 -26.22
CA LYS A 317 -13.70 11.82 -26.25
C LYS A 317 -13.19 13.12 -25.61
N MET A 318 -12.17 13.00 -24.77
CA MET A 318 -11.49 14.16 -24.21
C MET A 318 -10.43 14.69 -25.16
N ASN A 319 -10.27 14.00 -26.29
CA ASN A 319 -9.24 14.33 -27.29
C ASN A 319 -7.84 14.45 -26.69
N LEU A 320 -7.50 13.49 -25.85
CA LEU A 320 -6.18 13.46 -25.23
C LEU A 320 -5.15 12.85 -26.16
N ASP A 321 -3.90 13.29 -26.03
CA ASP A 321 -2.80 12.64 -26.72
C ASP A 321 -2.50 11.33 -26.02
N MET A 322 -2.77 10.22 -26.71
CA MET A 322 -2.65 8.89 -26.10
C MET A 322 -1.45 8.12 -26.63
N ARG A 323 -0.55 8.82 -27.33
CA ARG A 323 0.61 8.19 -27.94
C ARG A 323 1.69 7.83 -26.91
N LYS A 324 1.97 8.75 -25.99
CA LYS A 324 2.97 8.49 -24.97
C LYS A 324 2.34 8.47 -23.58
N THR A 325 2.77 7.54 -22.73
CA THR A 325 2.26 7.45 -21.37
C THR A 325 2.62 8.68 -20.51
N SER A 326 3.72 9.35 -20.87
CA SER A 326 4.21 10.46 -20.06
C SER A 326 3.33 11.71 -20.17
N SER A 327 2.31 11.64 -21.02
CA SER A 327 1.33 12.72 -21.09
C SER A 327 0.28 12.55 -19.99
N LEU A 328 0.33 11.41 -19.31
CA LEU A 328 -0.59 11.06 -18.21
C LEU A 328 -2.07 11.15 -18.63
N TRP A 329 -2.36 10.78 -19.88
CA TRP A 329 -3.73 10.78 -20.36
C TRP A 329 -4.60 9.81 -19.56
N LYS A 330 -4.01 8.73 -19.07
CA LYS A 330 -4.77 7.79 -18.27
C LYS A 330 -5.19 8.44 -16.97
N ASP A 331 -4.26 9.17 -16.35
CA ASP A 331 -4.51 9.80 -15.07
C ASP A 331 -5.56 10.90 -15.24
N GLN A 332 -5.44 11.64 -16.33
CA GLN A 332 -6.39 12.71 -16.60
C GLN A 332 -7.79 12.15 -16.76
N ALA A 333 -7.92 11.09 -17.56
CA ALA A 333 -9.22 10.45 -17.80
C ALA A 333 -9.81 9.86 -16.53
N LEU A 334 -8.96 9.24 -15.72
CA LEU A 334 -9.37 8.61 -14.47
C LEU A 334 -10.04 9.60 -13.53
N VAL A 335 -9.53 10.84 -13.50
CA VAL A 335 -10.08 11.84 -12.61
C VAL A 335 -11.47 12.27 -13.06
N GLU A 336 -11.62 12.50 -14.35
CA GLU A 336 -12.91 12.96 -14.88
C GLU A 336 -14.01 11.91 -14.64
N ILE A 337 -13.66 10.64 -14.81
CA ILE A 337 -14.59 9.54 -14.61
C ILE A 337 -15.04 9.52 -13.15
N ASN A 338 -14.09 9.68 -12.25
CA ASN A 338 -14.44 9.68 -10.84
C ASN A 338 -15.24 10.92 -10.44
N ILE A 339 -14.99 12.03 -11.12
CA ILE A 339 -15.78 13.24 -10.91
C ILE A 339 -17.24 12.97 -11.30
N ALA A 340 -17.42 12.34 -12.47
CA ALA A 340 -18.74 11.99 -12.99
C ALA A 340 -19.54 11.07 -12.05
N VAL A 341 -18.86 10.07 -11.49
CA VAL A 341 -19.52 9.12 -10.60
C VAL A 341 -20.06 9.84 -9.37
N LEU A 342 -19.23 10.65 -8.74
CA LEU A 342 -19.64 11.36 -7.53
C LEU A 342 -20.77 12.34 -7.84
N TYR A 343 -20.68 13.01 -8.99
CA TYR A 343 -21.69 13.98 -9.40
C TYR A 343 -23.04 13.31 -9.67
N SER A 344 -23.02 12.15 -10.31
CA SER A 344 -24.26 11.50 -10.71
C SER A 344 -24.99 10.96 -9.47
N PHE A 345 -24.24 10.43 -8.52
CA PHE A 345 -24.85 9.93 -7.28
C PHE A 345 -25.42 11.09 -6.46
N GLN A 346 -24.64 12.16 -6.31
CA GLN A 346 -25.08 13.31 -5.52
C GLN A 346 -26.32 13.93 -6.14
N SER A 347 -26.33 14.02 -7.46
CA SER A 347 -27.46 14.62 -8.17
C SER A 347 -28.75 13.81 -7.98
N ASP A 348 -28.62 12.50 -7.89
CA ASP A 348 -29.77 11.62 -7.76
C ASP A 348 -30.06 11.31 -6.30
N LYS A 349 -29.34 12.01 -5.42
CA LYS A 349 -29.49 11.85 -3.97
C LYS A 349 -29.36 10.41 -3.51
N VAL A 350 -28.35 9.74 -4.04
CA VAL A 350 -27.99 8.40 -3.58
C VAL A 350 -26.69 8.53 -2.81
N THR A 351 -26.70 8.08 -1.55
CA THR A 351 -25.53 8.19 -0.69
C THR A 351 -24.26 7.65 -1.35
N ILE A 352 -23.19 8.43 -1.25
CA ILE A 352 -21.86 8.05 -1.73
C ILE A 352 -20.85 8.93 -1.03
N VAL A 353 -19.62 8.45 -0.87
CA VAL A 353 -18.59 9.26 -0.21
C VAL A 353 -17.33 9.32 -1.07
N ASP A 354 -16.75 10.50 -1.22
CA ASP A 354 -15.51 10.61 -1.99
C ASP A 354 -14.37 10.10 -1.13
N HIS A 355 -13.25 9.79 -1.77
CA HIS A 355 -12.13 9.18 -1.08
C HIS A 355 -11.38 10.15 -0.14
N HIS A 356 -11.49 11.46 -0.36
CA HIS A 356 -10.90 12.41 0.59
C HIS A 356 -11.67 12.40 1.92
N SER A 357 -12.99 12.49 1.83
CA SER A 357 -13.83 12.54 3.01
CA SER A 357 -13.84 12.54 3.01
C SER A 357 -13.78 11.22 3.78
N ALA A 358 -13.77 10.11 3.04
CA ALA A 358 -13.75 8.79 3.66
C ALA A 358 -12.47 8.53 4.43
N THR A 359 -11.34 8.95 3.87
CA THR A 359 -10.04 8.69 4.50
C THR A 359 -9.81 9.62 5.70
N GLU A 360 -10.30 10.85 5.58
CA GLU A 360 -10.28 11.74 6.73
C GLU A 360 -11.14 11.21 7.88
N SER A 361 -12.35 10.71 7.59
CA SER A 361 -13.16 10.12 8.65
C SER A 361 -12.47 8.89 9.24
N PHE A 362 -11.78 8.12 8.40
CA PHE A 362 -11.12 6.93 8.93
C PHE A 362 -9.99 7.29 9.91
N ILE A 363 -9.26 8.36 9.60
CA ILE A 363 -8.20 8.81 10.51
C ILE A 363 -8.78 9.21 11.87
N LYS A 364 -9.82 10.04 11.85
CA LYS A 364 -10.53 10.42 13.08
C LYS A 364 -11.06 9.19 13.83
N HIS A 365 -11.63 8.25 13.09
CA HIS A 365 -12.10 6.98 13.66
C HIS A 365 -10.96 6.19 14.31
N MET A 366 -9.84 6.07 13.59
CA MET A 366 -8.68 5.35 14.11
C MET A 366 -8.13 5.97 15.40
N GLU A 367 -8.02 7.29 15.42
CA GLU A 367 -7.57 8.00 16.61
C GLU A 367 -8.51 7.70 17.78
N ASN A 368 -9.81 7.69 17.52
CA ASN A 368 -10.78 7.46 18.58
C ASN A 368 -10.67 6.05 19.16
N GLU A 369 -10.54 5.08 18.26
CA GLU A 369 -10.34 3.67 18.64
C GLU A 369 -9.04 3.44 19.41
N TYR A 370 -7.97 4.13 19.04
CA TYR A 370 -6.73 4.03 19.82
C TYR A 370 -6.98 4.52 21.23
N ARG A 371 -7.68 5.65 21.35
CA ARG A 371 -8.01 6.21 22.66
C ARG A 371 -8.93 5.30 23.47
N CYS A 372 -10.05 4.88 22.89
CA CYS A 372 -11.04 4.20 23.71
C CYS A 372 -10.83 2.68 23.76
N ARG A 373 -10.13 2.12 22.78
CA ARG A 373 -10.06 0.67 22.68
C ARG A 373 -8.64 0.13 22.85
N GLY A 374 -7.66 1.00 22.67
CA GLY A 374 -6.27 0.61 22.77
C GLY A 374 -5.65 0.27 21.43
N GLY A 375 -6.40 0.51 20.35
CA GLY A 375 -5.91 0.23 19.01
C GLY A 375 -6.99 0.12 17.95
N CYS A 376 -6.57 -0.06 16.70
CA CYS A 376 -7.46 -0.23 15.56
C CYS A 376 -6.73 -0.97 14.44
N PRO A 377 -7.04 -2.25 14.24
CA PRO A 377 -6.28 -2.94 13.18
C PRO A 377 -6.60 -2.36 11.80
N ALA A 378 -5.59 -2.12 10.99
CA ALA A 378 -5.81 -1.50 9.69
C ALA A 378 -4.81 -2.01 8.64
N ASP A 379 -5.32 -2.32 7.45
CA ASP A 379 -4.54 -2.85 6.34
C ASP A 379 -4.31 -1.74 5.33
N TRP A 380 -3.16 -1.09 5.45
CA TRP A 380 -2.75 0.06 4.62
C TRP A 380 -2.93 -0.22 3.14
N VAL A 381 -2.58 -1.44 2.74
CA VAL A 381 -2.63 -1.82 1.34
C VAL A 381 -4.05 -1.70 0.78
N TRP A 382 -5.04 -1.98 1.63
CA TRP A 382 -6.46 -1.82 1.26
C TRP A 382 -7.04 -0.47 1.67
N ILE A 383 -6.57 0.09 2.79
CA ILE A 383 -7.14 1.35 3.27
C ILE A 383 -6.82 2.54 2.33
N VAL A 384 -5.60 2.61 1.84
CA VAL A 384 -5.22 3.69 0.90
C VAL A 384 -6.00 3.51 -0.43
N PRO A 385 -6.67 4.56 -0.91
CA PRO A 385 -7.48 4.49 -2.13
C PRO A 385 -6.65 4.27 -3.40
N PRO A 386 -7.28 3.72 -4.46
CA PRO A 386 -6.59 3.28 -5.69
C PRO A 386 -6.22 4.43 -6.62
N MET A 387 -6.61 5.66 -6.29
CA MET A 387 -6.06 6.83 -6.97
C MET A 387 -5.64 7.90 -5.95
N SER A 388 -4.70 8.75 -6.34
CA SER A 388 -4.32 9.93 -5.55
C SER A 388 -3.87 9.60 -4.13
N GLY A 389 -3.24 8.45 -3.94
CA GLY A 389 -2.90 7.96 -2.61
C GLY A 389 -2.33 9.00 -1.64
N SER A 390 -1.22 9.62 -2.00
CA SER A 390 -0.50 10.46 -1.05
C SER A 390 -1.22 11.78 -0.72
N ILE A 391 -2.26 12.14 -1.44
CA ILE A 391 -2.95 13.37 -1.07
C ILE A 391 -4.18 13.07 -0.21
N THR A 392 -4.24 11.85 0.33
CA THR A 392 -5.20 11.48 1.37
C THR A 392 -4.42 11.24 2.64
N PRO A 393 -5.05 11.47 3.81
CA PRO A 393 -4.23 11.42 5.04
C PRO A 393 -3.85 10.02 5.49
N VAL A 394 -4.51 8.97 4.99
CA VAL A 394 -4.12 7.61 5.38
C VAL A 394 -2.78 7.17 4.75
N PHE A 395 -2.38 7.78 3.63
CA PHE A 395 -1.09 7.44 3.00
C PHE A 395 0.07 7.59 3.99
N HIS A 396 0.07 8.70 4.74
CA HIS A 396 1.16 8.97 5.67
C HIS A 396 0.98 8.37 7.05
N GLN A 397 -0.10 7.62 7.23
CA GLN A 397 -0.44 7.05 8.53
C GLN A 397 0.09 5.62 8.69
N GLU A 398 1.04 5.41 9.60
CA GLU A 398 1.46 4.05 9.90
C GLU A 398 0.30 3.30 10.52
N MET A 399 0.16 2.02 10.18
CA MET A 399 -0.93 1.19 10.66
C MET A 399 -0.40 -0.16 11.10
N LEU A 400 -1.05 -0.74 12.10
CA LEU A 400 -0.75 -2.12 12.50
C LEU A 400 -1.88 -3.03 12.03
N ASN A 401 -1.53 -4.16 11.44
CA ASN A 401 -2.55 -5.07 11.00
C ASN A 401 -2.54 -6.35 11.82
N TYR A 402 -3.71 -6.76 12.30
CA TYR A 402 -3.83 -7.99 13.06
C TYR A 402 -5.27 -8.44 13.08
N ARG A 403 -5.48 -9.69 13.45
CA ARG A 403 -6.80 -10.30 13.29
C ARG A 403 -7.54 -10.47 14.61
N LEU A 404 -8.62 -9.73 14.77
CA LEU A 404 -9.47 -9.90 15.94
C LEU A 404 -10.74 -10.64 15.58
N THR A 405 -11.31 -11.31 16.56
CA THR A 405 -12.59 -11.97 16.41
C THR A 405 -13.59 -11.28 17.33
N PRO A 406 -14.87 -11.20 16.93
CA PRO A 406 -15.55 -11.68 15.73
C PRO A 406 -14.98 -11.12 14.43
N SER A 407 -15.09 -11.85 13.34
CA SER A 407 -14.49 -11.38 12.11
C SER A 407 -15.24 -11.84 10.88
N PHE A 408 -15.02 -11.10 9.79
CA PHE A 408 -15.46 -11.54 8.47
C PHE A 408 -14.29 -12.26 7.79
N GLU A 409 -14.57 -13.43 7.25
CA GLU A 409 -13.53 -14.27 6.65
C GLU A 409 -13.86 -14.64 5.20
N TYR A 410 -12.83 -14.93 4.41
CA TYR A 410 -13.02 -15.51 3.09
C TYR A 410 -13.41 -16.96 3.23
N GLN A 411 -14.12 -17.49 2.22
CA GLN A 411 -14.49 -18.89 2.21
C GLN A 411 -14.49 -19.36 0.77
N PRO A 412 -14.32 -20.67 0.53
CA PRO A 412 -14.27 -21.11 -0.87
C PRO A 412 -15.58 -20.81 -1.60
N ASP A 413 -15.48 -20.61 -2.91
CA ASP A 413 -16.62 -20.52 -3.79
C ASP A 413 -17.46 -21.78 -3.69
N PRO A 414 -18.78 -21.62 -3.57
CA PRO A 414 -19.64 -22.78 -3.27
C PRO A 414 -19.76 -23.80 -4.42
N TRP A 415 -19.60 -23.37 -5.66
CA TRP A 415 -19.65 -24.35 -6.75
C TRP A 415 -18.44 -25.28 -6.74
N ASN A 416 -17.40 -24.92 -6.00
CA ASN A 416 -16.21 -25.75 -5.94
C ASN A 416 -16.33 -26.88 -4.93
N THR A 417 -17.25 -26.72 -3.98
CA THR A 417 -17.37 -27.65 -2.88
C THR A 417 -18.72 -28.37 -2.82
N HIS A 418 -19.72 -27.83 -3.51
CA HIS A 418 -21.09 -28.34 -3.38
C HIS A 418 -21.23 -29.77 -3.87
N VAL A 419 -21.93 -30.59 -3.08
CA VAL A 419 -22.29 -31.94 -3.50
C VAL A 419 -23.68 -31.88 -4.11
N TRP A 420 -23.76 -31.97 -5.43
CA TRP A 420 -25.04 -31.85 -6.12
C TRP A 420 -25.95 -33.02 -5.78
N LYS A 421 -27.20 -32.72 -5.44
CA LYS A 421 -28.16 -33.75 -5.10
C LYS A 421 -28.64 -34.48 -6.34
N ARG B 3 9.43 -23.45 2.80
CA ARG B 3 8.38 -23.66 1.79
C ARG B 3 8.55 -22.73 0.58
N PHE B 4 8.10 -23.19 -0.58
CA PHE B 4 8.03 -22.38 -1.79
C PHE B 4 6.83 -21.46 -1.71
N LEU B 5 7.00 -20.17 -1.95
CA LEU B 5 5.87 -19.24 -1.85
C LEU B 5 5.49 -18.66 -3.19
N LYS B 6 4.19 -18.61 -3.46
CA LYS B 6 3.69 -18.10 -4.72
C LYS B 6 3.22 -16.66 -4.57
N VAL B 7 3.40 -15.89 -5.63
CA VAL B 7 2.85 -14.54 -5.73
C VAL B 7 2.10 -14.47 -7.03
N LYS B 8 0.95 -13.82 -7.00
CA LYS B 8 0.08 -13.82 -8.16
C LYS B 8 -0.14 -12.39 -8.60
N ASN B 9 -0.15 -12.17 -9.91
CA ASN B 9 -0.65 -10.92 -10.45
C ASN B 9 -2.12 -11.10 -10.80
N TRP B 10 -2.99 -10.29 -10.19
CA TRP B 10 -4.44 -10.48 -10.33
C TRP B 10 -4.97 -9.88 -11.63
N GLU B 11 -4.12 -9.19 -12.36
CA GLU B 11 -4.49 -8.66 -13.66
C GLU B 11 -4.17 -9.68 -14.73
N THR B 12 -2.95 -10.18 -14.70
CA THR B 12 -2.46 -11.08 -15.74
C THR B 12 -2.54 -12.56 -15.34
N GLU B 13 -2.89 -12.81 -14.09
CA GLU B 13 -3.00 -14.17 -13.55
C GLU B 13 -1.65 -14.89 -13.52
N VAL B 14 -0.57 -14.15 -13.79
CA VAL B 14 0.75 -14.75 -13.75
C VAL B 14 1.12 -15.10 -12.31
N VAL B 15 1.67 -16.30 -12.14
CA VAL B 15 2.08 -16.78 -10.84
C VAL B 15 3.58 -17.01 -10.85
N LEU B 16 4.27 -16.46 -9.87
CA LEU B 16 5.69 -16.67 -9.70
C LEU B 16 5.92 -17.45 -8.41
N THR B 17 7.03 -18.18 -8.35
CA THR B 17 7.36 -18.96 -7.15
C THR B 17 8.64 -18.43 -6.51
N ASP B 18 8.57 -18.13 -5.22
CA ASP B 18 9.70 -17.53 -4.53
C ASP B 18 10.43 -18.56 -3.70
N THR B 19 11.71 -18.73 -4.01
CA THR B 19 12.58 -19.60 -3.23
C THR B 19 13.65 -18.76 -2.55
N LEU B 20 13.84 -17.54 -3.06
CA LEU B 20 14.97 -16.71 -2.65
C LEU B 20 14.86 -16.27 -1.18
N HIS B 21 13.63 -16.06 -0.72
CA HIS B 21 13.38 -15.65 0.66
C HIS B 21 13.97 -16.59 1.69
N LEU B 22 14.19 -17.85 1.32
CA LEU B 22 14.80 -18.81 2.24
C LEU B 22 16.23 -18.41 2.61
N LYS B 23 16.82 -17.54 1.81
CA LYS B 23 18.22 -17.15 2.05
C LYS B 23 18.35 -15.98 3.02
N SER B 24 17.26 -15.28 3.31
CA SER B 24 17.35 -14.09 4.14
C SER B 24 17.51 -14.47 5.61
N THR B 25 18.21 -13.63 6.37
CA THR B 25 18.51 -13.92 7.76
C THR B 25 18.16 -12.75 8.68
N LEU B 26 18.06 -11.55 8.09
CA LEU B 26 17.61 -10.38 8.83
C LEU B 26 16.10 -10.37 9.05
N GLU B 27 15.63 -9.65 10.07
CA GLU B 27 14.22 -9.64 10.42
C GLU B 27 13.44 -8.49 9.78
N THR B 28 12.14 -8.71 9.55
CA THR B 28 11.30 -7.73 8.86
C THR B 28 10.54 -6.80 9.80
N GLY B 29 10.28 -7.26 11.03
CA GLY B 29 9.53 -6.48 11.99
C GLY B 29 8.17 -7.07 12.25
N CYS B 30 7.66 -7.83 11.28
CA CYS B 30 6.37 -8.50 11.43
C CYS B 30 6.52 -9.73 12.32
N THR B 31 5.40 -10.24 12.81
CA THR B 31 5.34 -11.54 13.48
C THR B 31 4.13 -12.28 12.95
N GLU B 32 3.92 -13.49 13.43
CA GLU B 32 2.80 -14.31 12.96
C GLU B 32 1.47 -13.64 13.27
N TYR B 33 1.44 -12.79 14.29
CA TYR B 33 0.19 -12.22 14.74
C TYR B 33 0.03 -10.75 14.42
N ILE B 34 1.12 -10.06 14.13
CA ILE B 34 1.04 -8.63 13.79
C ILE B 34 1.88 -8.32 12.56
N CYS B 35 1.27 -7.67 11.57
CA CYS B 35 2.01 -7.21 10.39
C CYS B 35 2.35 -5.74 10.54
N MET B 36 3.61 -5.40 10.29
CA MET B 36 4.07 -4.02 10.38
C MET B 36 4.53 -3.49 9.04
N GLY B 37 3.93 -3.99 7.97
CA GLY B 37 4.32 -3.62 6.61
C GLY B 37 4.22 -2.15 6.27
N SER B 38 3.47 -1.37 7.05
CA SER B 38 3.39 0.06 6.75
C SER B 38 4.14 0.93 7.78
N ILE B 39 4.90 0.31 8.66
CA ILE B 39 5.77 1.07 9.56
C ILE B 39 7.04 1.49 8.80
N MET B 40 7.44 2.76 8.88
CA MET B 40 8.57 3.22 8.09
C MET B 40 9.89 2.58 8.55
N HIS B 41 10.10 2.46 9.86
CA HIS B 41 11.30 1.79 10.35
C HIS B 41 10.98 0.89 11.53
N PRO B 42 10.62 -0.37 11.28
CA PRO B 42 10.28 -1.25 12.41
C PRO B 42 11.51 -1.62 13.24
N SER B 43 11.30 -1.81 14.54
CA SER B 43 12.39 -2.21 15.42
C SER B 43 12.59 -3.72 15.37
N ALA B 53 30.60 -3.47 15.70
CA ALA B 53 30.59 -4.93 15.69
C ALA B 53 31.72 -5.47 16.56
N THR B 54 31.93 -6.78 16.48
CA THR B 54 33.07 -7.42 17.14
C THR B 54 33.66 -8.45 16.18
N LYS B 55 34.88 -8.92 16.49
CA LYS B 55 35.54 -9.97 15.70
C LYS B 55 34.63 -11.18 15.51
N ASP B 56 33.97 -11.57 16.60
CA ASP B 56 33.21 -12.81 16.68
C ASP B 56 31.90 -12.71 15.90
N GLN B 57 31.32 -11.53 15.86
CA GLN B 57 30.15 -11.30 15.04
C GLN B 57 30.57 -11.21 13.57
N LEU B 58 31.74 -10.59 13.35
CA LEU B 58 32.13 -10.17 12.02
C LEU B 58 32.43 -11.31 11.04
N PHE B 59 33.18 -12.33 11.47
CA PHE B 59 33.60 -13.35 10.49
C PHE B 59 32.46 -14.13 9.81
N PRO B 60 31.44 -14.60 10.58
CA PRO B 60 30.36 -15.28 9.86
C PRO B 60 29.70 -14.39 8.80
N LEU B 61 29.59 -13.10 9.06
CA LEU B 61 29.02 -12.17 8.08
C LEU B 61 29.95 -12.01 6.89
N ALA B 62 31.25 -11.96 7.16
CA ALA B 62 32.26 -11.86 6.11
C ALA B 62 32.23 -13.13 5.26
N LYS B 63 32.15 -14.27 5.93
CA LYS B 63 32.17 -15.55 5.24
C LYS B 63 30.94 -15.71 4.36
N GLU B 64 29.79 -15.32 4.88
CA GLU B 64 28.55 -15.37 4.12
C GLU B 64 28.67 -14.54 2.84
N PHE B 65 29.20 -13.32 2.98
CA PHE B 65 29.34 -12.44 1.83
C PHE B 65 30.39 -12.94 0.82
N ILE B 66 31.53 -13.43 1.31
CA ILE B 66 32.56 -13.96 0.43
C ILE B 66 32.02 -15.18 -0.33
N ASP B 67 31.28 -16.04 0.38
CA ASP B 67 30.69 -17.24 -0.23
C ASP B 67 29.75 -16.89 -1.37
N GLN B 68 28.92 -15.89 -1.19
CA GLN B 68 27.94 -15.57 -2.22
C GLN B 68 28.64 -14.85 -3.38
N TYR B 69 29.74 -14.15 -3.09
CA TYR B 69 30.49 -13.51 -4.16
C TYR B 69 31.15 -14.53 -5.08
N TYR B 70 31.74 -15.56 -4.48
CA TYR B 70 32.40 -16.59 -5.27
C TYR B 70 31.37 -17.54 -5.88
N SER B 71 30.21 -17.62 -5.26
CA SER B 71 29.08 -18.30 -5.86
C SER B 71 28.61 -17.53 -7.10
N SER B 72 28.61 -16.20 -7.01
CA SER B 72 28.12 -15.37 -8.10
C SER B 72 29.05 -15.45 -9.33
N ILE B 73 30.36 -15.50 -9.11
CA ILE B 73 31.30 -15.63 -10.23
C ILE B 73 31.63 -17.09 -10.51
N LYS B 74 30.77 -17.99 -10.04
CA LYS B 74 30.87 -19.43 -10.33
C LYS B 74 32.24 -20.01 -10.02
N ARG B 75 32.76 -19.67 -8.85
CA ARG B 75 34.07 -20.11 -8.40
C ARG B 75 33.98 -20.57 -6.96
N PHE B 76 32.78 -20.98 -6.55
CA PHE B 76 32.57 -21.50 -5.21
C PHE B 76 33.47 -22.69 -4.96
N GLY B 77 34.19 -22.66 -3.83
CA GLY B 77 35.10 -23.73 -3.45
C GLY B 77 36.34 -23.80 -4.32
N SER B 78 36.66 -22.70 -4.99
CA SER B 78 37.87 -22.63 -5.82
C SER B 78 39.09 -22.36 -4.96
N LYS B 79 40.25 -22.38 -5.59
CA LYS B 79 41.49 -22.02 -4.92
C LYS B 79 41.40 -20.57 -4.44
N ALA B 80 40.87 -19.70 -5.30
CA ALA B 80 40.76 -18.28 -4.98
C ALA B 80 39.79 -18.09 -3.84
N HIS B 81 38.73 -18.89 -3.82
CA HIS B 81 37.71 -18.78 -2.79
C HIS B 81 38.27 -19.20 -1.44
N MET B 82 38.84 -20.40 -1.39
CA MET B 82 39.49 -20.92 -0.19
C MET B 82 40.46 -19.90 0.40
N GLU B 83 41.34 -19.37 -0.45
CA GLU B 83 42.39 -18.46 0.00
C GLU B 83 41.83 -17.12 0.48
N ARG B 84 40.74 -16.69 -0.12
CA ARG B 84 40.11 -15.44 0.30
C ARG B 84 39.54 -15.58 1.71
N LEU B 85 38.92 -16.73 1.99
CA LEU B 85 38.35 -16.99 3.31
C LEU B 85 39.45 -16.93 4.35
N GLU B 86 40.53 -17.66 4.08
CA GLU B 86 41.73 -17.63 4.90
C GLU B 86 42.21 -16.22 5.17
N GLU B 87 42.50 -15.48 4.08
CA GLU B 87 42.98 -14.11 4.16
C GLU B 87 42.13 -13.22 5.07
N VAL B 88 40.81 -13.30 4.89
CA VAL B 88 39.86 -12.46 5.64
C VAL B 88 39.89 -12.76 7.14
N ASN B 89 40.09 -14.03 7.50
CA ASN B 89 40.08 -14.42 8.89
C ASN B 89 41.32 -13.95 9.65
N LYS B 90 42.48 -13.98 8.99
CA LYS B 90 43.70 -13.46 9.59
C LYS B 90 43.59 -11.96 9.80
N GLU B 91 42.89 -11.30 8.88
CA GLU B 91 42.77 -9.86 8.91
C GLU B 91 41.82 -9.43 10.02
N ILE B 92 40.81 -10.23 10.29
CA ILE B 92 39.88 -9.92 11.36
C ILE B 92 40.52 -10.21 12.70
N ASP B 93 41.22 -11.33 12.78
CA ASP B 93 41.90 -11.75 13.99
C ASP B 93 42.91 -10.70 14.45
N THR B 94 43.65 -10.15 13.50
CA THR B 94 44.76 -9.27 13.81
C THR B 94 44.41 -7.78 13.84
N THR B 95 43.24 -7.40 13.33
CA THR B 95 42.86 -5.97 13.26
C THR B 95 41.39 -5.70 13.57
N SER B 96 40.64 -6.71 14.00
CA SER B 96 39.22 -6.58 14.36
C SER B 96 38.32 -6.14 13.19
N THR B 97 38.87 -6.08 11.99
CA THR B 97 38.07 -5.79 10.80
C THR B 97 38.79 -6.35 9.58
N TYR B 98 38.30 -5.97 8.39
CA TYR B 98 38.98 -6.31 7.14
C TYR B 98 38.58 -5.34 6.03
N GLN B 99 39.31 -5.42 4.92
CA GLN B 99 39.09 -4.57 3.78
C GLN B 99 38.57 -5.39 2.61
N LEU B 100 37.59 -4.85 1.89
CA LEU B 100 37.06 -5.50 0.71
C LEU B 100 38.00 -5.30 -0.48
N LYS B 101 38.13 -6.33 -1.30
CA LYS B 101 38.73 -6.15 -2.62
C LYS B 101 37.83 -5.24 -3.45
N ASP B 102 38.40 -4.58 -4.44
CA ASP B 102 37.64 -3.68 -5.30
C ASP B 102 36.49 -4.40 -6.02
N THR B 103 36.74 -5.61 -6.51
CA THR B 103 35.69 -6.40 -7.14
C THR B 103 34.54 -6.64 -6.16
N GLU B 104 34.90 -6.98 -4.93
CA GLU B 104 33.93 -7.21 -3.87
C GLU B 104 33.13 -5.94 -3.57
N LEU B 105 33.81 -4.80 -3.51
CA LEU B 105 33.14 -3.54 -3.22
C LEU B 105 32.04 -3.25 -4.24
N ILE B 106 32.38 -3.47 -5.51
CA ILE B 106 31.50 -3.22 -6.63
C ILE B 106 30.33 -4.20 -6.61
N TYR B 107 30.66 -5.48 -6.40
CA TYR B 107 29.65 -6.50 -6.29
C TYR B 107 28.69 -6.14 -5.18
N GLY B 108 29.26 -5.76 -4.05
CA GLY B 108 28.50 -5.40 -2.86
C GLY B 108 27.56 -4.22 -3.09
N ALA B 109 28.03 -3.19 -3.78
CA ALA B 109 27.20 -2.01 -3.94
C ALA B 109 26.03 -2.29 -4.89
N LYS B 110 26.30 -2.99 -5.97
CA LYS B 110 25.24 -3.34 -6.91
C LYS B 110 24.18 -4.21 -6.23
N HIS B 111 24.61 -5.08 -5.33
CA HIS B 111 23.65 -6.00 -4.76
C HIS B 111 22.83 -5.37 -3.64
N ALA B 112 23.37 -4.36 -2.95
CA ALA B 112 22.57 -3.58 -2.02
C ALA B 112 21.44 -2.89 -2.77
N TRP B 113 21.72 -2.38 -3.96
CA TRP B 113 20.67 -1.77 -4.79
C TRP B 113 19.67 -2.85 -5.21
N ARG B 114 20.18 -3.97 -5.70
CA ARG B 114 19.38 -5.09 -6.17
C ARG B 114 18.43 -5.60 -5.09
N ASN B 115 18.93 -5.60 -3.85
CA ASN B 115 18.18 -6.12 -2.74
C ASN B 115 17.29 -5.08 -2.10
N ALA B 116 17.28 -3.85 -2.63
CA ALA B 116 16.51 -2.78 -1.98
C ALA B 116 15.01 -2.92 -2.28
N SER B 117 14.29 -3.58 -1.37
CA SER B 117 12.88 -3.91 -1.58
CA SER B 117 12.85 -3.90 -1.51
C SER B 117 11.98 -2.71 -1.89
N ARG B 118 12.38 -1.52 -1.49
CA ARG B 118 11.55 -0.34 -1.69
C ARG B 118 11.78 0.44 -2.98
N CYS B 119 12.76 0.01 -3.78
CA CYS B 119 13.12 0.76 -4.97
C CYS B 119 12.48 0.19 -6.23
N VAL B 120 11.68 1.01 -6.90
CA VAL B 120 11.02 0.61 -8.14
C VAL B 120 11.96 0.69 -9.36
N GLY B 121 13.15 1.26 -9.18
CA GLY B 121 14.04 1.48 -10.31
C GLY B 121 15.07 0.37 -10.52
N ARG B 122 14.89 -0.75 -9.83
CA ARG B 122 15.93 -1.80 -9.79
C ARG B 122 16.21 -2.58 -11.07
N ILE B 123 15.42 -2.39 -12.12
CA ILE B 123 15.74 -3.02 -13.39
C ILE B 123 17.15 -2.59 -13.84
N GLN B 124 17.60 -1.45 -13.36
CA GLN B 124 18.87 -0.85 -13.73
C GLN B 124 20.06 -1.30 -12.85
N TRP B 125 19.80 -2.16 -11.87
CA TRP B 125 20.74 -2.41 -10.76
C TRP B 125 22.21 -2.73 -11.14
N SER B 126 22.45 -3.38 -12.28
CA SER B 126 23.81 -3.78 -12.60
C SER B 126 24.57 -2.69 -13.35
N LYS B 127 23.84 -1.68 -13.80
CA LYS B 127 24.44 -0.48 -14.36
C LYS B 127 24.61 0.56 -13.25
N LEU B 128 25.66 0.39 -12.45
CA LEU B 128 25.97 1.32 -11.37
C LEU B 128 27.44 1.66 -11.41
N GLN B 129 27.74 2.94 -11.53
CA GLN B 129 29.13 3.38 -11.51
C GLN B 129 29.57 3.48 -10.05
N VAL B 130 30.55 2.69 -9.67
CA VAL B 130 31.00 2.66 -8.28
C VAL B 130 32.32 3.43 -8.11
N PHE B 131 32.27 4.53 -7.36
CA PHE B 131 33.47 5.28 -7.05
C PHE B 131 33.99 4.91 -5.66
N ASP B 132 35.19 4.35 -5.63
CA ASP B 132 35.85 3.94 -4.41
C ASP B 132 36.61 5.12 -3.78
N ALA B 133 36.10 5.61 -2.65
CA ALA B 133 36.68 6.76 -1.96
C ALA B 133 37.15 6.36 -0.58
N ARG B 134 37.57 5.12 -0.44
CA ARG B 134 37.99 4.63 0.87
C ARG B 134 39.36 5.15 1.30
N ASP B 135 40.02 5.94 0.45
CA ASP B 135 41.31 6.53 0.86
C ASP B 135 41.13 7.97 1.36
N CYS B 136 39.89 8.46 1.37
CA CYS B 136 39.58 9.81 1.83
C CYS B 136 39.86 9.98 3.34
N THR B 137 40.41 11.14 3.73
CA THR B 137 40.73 11.40 5.13
C THR B 137 40.13 12.70 5.71
N THR B 138 39.76 13.64 4.85
CA THR B 138 39.29 14.95 5.30
C THR B 138 38.02 15.35 4.57
N ALA B 139 37.35 16.39 5.09
CA ALA B 139 36.12 16.88 4.50
C ALA B 139 36.38 17.49 3.10
N HIS B 140 37.54 18.10 2.91
CA HIS B 140 37.91 18.64 1.60
C HIS B 140 38.02 17.53 0.57
N GLY B 141 38.63 16.40 0.97
CA GLY B 141 38.68 15.24 0.12
C GLY B 141 37.28 14.74 -0.22
N MET B 142 36.39 14.76 0.76
CA MET B 142 35.00 14.32 0.56
C MET B 142 34.33 15.19 -0.47
N PHE B 143 34.49 16.50 -0.30
CA PHE B 143 33.96 17.47 -1.24
C PHE B 143 34.39 17.20 -2.68
N ASN B 144 35.70 16.96 -2.86
CA ASN B 144 36.23 16.70 -4.20
C ASN B 144 35.58 15.45 -4.81
N TYR B 145 35.54 14.37 -4.04
CA TYR B 145 34.90 13.14 -4.47
C TYR B 145 33.42 13.35 -4.84
N ILE B 146 32.72 14.13 -4.02
CA ILE B 146 31.30 14.38 -4.24
C ILE B 146 31.08 15.21 -5.51
N CYS B 147 31.95 16.18 -5.76
CA CYS B 147 31.83 17.01 -6.95
C CYS B 147 32.01 16.17 -8.21
N ASN B 148 33.01 15.29 -8.17
CA ASN B 148 33.28 14.38 -9.26
C ASN B 148 32.08 13.43 -9.48
N HIS B 149 31.48 12.97 -8.39
CA HIS B 149 30.27 12.14 -8.48
C HIS B 149 29.17 12.92 -9.20
N VAL B 150 28.89 14.12 -8.70
CA VAL B 150 27.79 14.92 -9.22
C VAL B 150 27.99 15.20 -10.70
N LYS B 151 29.22 15.52 -11.08
CA LYS B 151 29.54 15.87 -12.44
C LYS B 151 29.37 14.65 -13.35
N TYR B 152 29.86 13.51 -12.90
CA TYR B 152 29.78 12.30 -13.69
C TYR B 152 28.33 11.86 -13.84
N ALA B 153 27.59 11.83 -12.73
CA ALA B 153 26.19 11.38 -12.75
C ALA B 153 25.28 12.32 -13.53
N THR B 154 25.55 13.62 -13.51
CA THR B 154 24.68 14.55 -14.21
C THR B 154 24.88 14.40 -15.71
N ASN B 155 26.14 14.41 -16.15
CA ASN B 155 26.45 14.08 -17.54
C ASN B 155 25.63 14.94 -18.51
N LYS B 156 25.46 16.21 -18.15
CA LYS B 156 24.75 17.19 -18.98
C LYS B 156 23.29 16.80 -19.29
N GLY B 157 22.64 16.08 -18.38
CA GLY B 157 21.23 15.76 -18.53
C GLY B 157 20.98 14.29 -18.80
N ASN B 158 21.99 13.62 -19.32
CA ASN B 158 21.92 12.20 -19.60
C ASN B 158 22.38 11.41 -18.38
N LEU B 159 21.55 11.42 -17.35
CA LEU B 159 21.92 10.98 -16.01
C LEU B 159 22.39 9.54 -15.97
N ARG B 160 23.39 9.29 -15.14
CA ARG B 160 23.99 7.98 -15.00
C ARG B 160 24.05 7.60 -13.54
N SER B 161 23.64 6.39 -13.22
CA SER B 161 23.60 5.94 -11.84
C SER B 161 25.00 5.81 -11.27
N ALA B 162 25.19 6.27 -10.04
CA ALA B 162 26.51 6.23 -9.41
C ALA B 162 26.42 6.15 -7.90
N ILE B 163 27.48 5.63 -7.30
CA ILE B 163 27.62 5.61 -5.85
C ILE B 163 29.09 5.90 -5.50
N THR B 164 29.27 6.74 -4.49
CA THR B 164 30.60 7.03 -4.00
C THR B 164 30.73 6.50 -2.59
N ILE B 165 31.73 5.65 -2.36
CA ILE B 165 31.86 4.96 -1.07
C ILE B 165 33.07 5.43 -0.27
N PHE B 166 32.79 6.04 0.89
CA PHE B 166 33.79 6.59 1.81
C PHE B 166 34.22 5.50 2.81
N PRO B 167 35.29 5.74 3.59
CA PRO B 167 35.82 4.65 4.43
C PRO B 167 34.82 4.07 5.43
N GLN B 168 34.99 2.80 5.76
CA GLN B 168 34.02 2.10 6.60
C GLN B 168 34.10 2.58 8.04
N ARG B 169 33.07 2.27 8.81
CA ARG B 169 33.06 2.60 10.22
C ARG B 169 34.16 1.81 10.92
N THR B 170 34.84 2.43 11.88
CA THR B 170 35.86 1.72 12.63
C THR B 170 35.38 1.49 14.06
N ASP B 171 35.68 2.42 14.96
CA ASP B 171 35.26 2.30 16.35
C ASP B 171 33.96 3.05 16.65
N GLY B 172 33.37 3.67 15.63
CA GLY B 172 32.14 4.43 15.78
C GLY B 172 32.34 5.88 16.19
N LYS B 173 33.56 6.23 16.58
CA LYS B 173 33.89 7.61 16.95
C LYS B 173 34.55 8.35 15.80
N HIS B 174 34.71 7.65 14.68
CA HIS B 174 35.46 8.19 13.56
C HIS B 174 34.69 8.06 12.26
N ASP B 175 33.36 8.13 12.36
CA ASP B 175 32.50 8.01 11.21
C ASP B 175 32.70 9.09 10.17
N PHE B 176 32.67 8.68 8.91
CA PHE B 176 32.43 9.59 7.80
C PHE B 176 30.92 9.74 7.63
N ARG B 177 30.46 10.98 7.53
CA ARG B 177 29.04 11.21 7.30
C ARG B 177 28.83 12.37 6.34
N VAL B 178 27.91 12.20 5.41
CA VAL B 178 27.33 13.35 4.73
C VAL B 178 26.10 13.79 5.52
N TRP B 179 26.12 15.01 6.05
CA TRP B 179 25.04 15.47 6.92
C TRP B 179 23.76 15.81 6.13
N ASN B 180 23.91 16.29 4.91
CA ASN B 180 22.80 16.44 3.98
C ASN B 180 22.05 15.12 3.80
N SER B 181 20.73 15.17 3.63
CA SER B 181 19.98 13.95 3.31
C SER B 181 20.07 13.65 1.80
N GLN B 182 20.12 14.68 0.97
CA GLN B 182 20.50 14.51 -0.44
C GLN B 182 21.61 15.49 -0.77
N LEU B 183 22.42 15.18 -1.78
CA LEU B 183 23.54 16.05 -2.15
C LEU B 183 23.03 17.42 -2.57
N ILE B 184 21.89 17.40 -3.27
CA ILE B 184 21.27 18.62 -3.76
C ILE B 184 19.85 18.74 -3.17
N ARG B 185 19.65 19.75 -2.34
CA ARG B 185 18.31 20.02 -1.76
C ARG B 185 18.12 21.51 -1.62
N TYR B 186 16.87 21.95 -1.57
CA TYR B 186 16.61 23.36 -1.37
C TYR B 186 16.40 23.71 0.10
N ALA B 187 16.84 24.89 0.49
CA ALA B 187 16.73 25.32 1.88
C ALA B 187 15.27 25.59 2.27
N GLY B 188 14.99 25.49 3.56
CA GLY B 188 13.68 25.88 4.07
C GLY B 188 13.81 26.84 5.25
N TYR B 189 13.04 27.92 5.23
CA TYR B 189 13.14 28.97 6.25
C TYR B 189 11.85 29.17 7.04
N LYS B 190 11.93 29.04 8.36
CA LYS B 190 10.78 29.27 9.22
C LYS B 190 10.54 30.77 9.40
N GLN B 191 9.46 31.25 8.82
CA GLN B 191 9.13 32.68 8.83
C GLN B 191 8.69 33.18 10.20
N PRO B 192 8.84 34.49 10.45
CA PRO B 192 8.20 35.14 11.60
C PRO B 192 6.69 34.98 11.49
N ASP B 193 6.21 34.99 10.24
CA ASP B 193 4.84 34.65 9.90
C ASP B 193 4.35 33.41 10.64
N GLY B 194 5.21 32.41 10.73
CA GLY B 194 4.84 31.11 11.29
C GLY B 194 4.85 30.08 10.19
N SER B 195 4.73 30.57 8.95
CA SER B 195 4.78 29.72 7.76
C SER B 195 6.22 29.35 7.39
N THR B 196 6.43 28.95 6.14
CA THR B 196 7.73 28.44 5.71
C THR B 196 8.09 28.84 4.28
N LEU B 197 9.27 29.44 4.12
CA LEU B 197 9.80 29.75 2.80
C LEU B 197 10.71 28.62 2.29
N GLY B 198 10.51 28.21 1.03
CA GLY B 198 11.27 27.12 0.45
C GLY B 198 10.73 25.77 0.88
N ASP B 199 11.62 24.78 1.03
CA ASP B 199 11.28 23.40 1.34
C ASP B 199 11.20 23.13 2.86
N PRO B 200 10.00 22.82 3.37
CA PRO B 200 9.82 22.62 4.81
C PRO B 200 10.50 21.36 5.35
N ALA B 201 10.79 20.40 4.46
CA ALA B 201 11.46 19.17 4.87
C ALA B 201 12.86 19.43 5.39
N ASN B 202 13.42 20.59 5.04
CA ASN B 202 14.81 20.87 5.31
C ASN B 202 15.04 22.00 6.29
N VAL B 203 13.97 22.46 6.93
CA VAL B 203 14.05 23.60 7.83
C VAL B 203 15.12 23.40 8.90
N GLN B 204 15.19 22.20 9.48
CA GLN B 204 16.15 21.97 10.56
C GLN B 204 17.57 21.96 10.05
N PHE B 205 17.80 21.24 8.95
CA PHE B 205 19.13 21.16 8.37
C PHE B 205 19.63 22.56 7.99
N THR B 206 18.76 23.32 7.33
CA THR B 206 19.05 24.71 6.98
C THR B 206 19.47 25.52 8.19
N GLU B 207 18.79 25.31 9.32
CA GLU B 207 19.13 26.05 10.55
C GLU B 207 20.52 25.66 11.01
N ILE B 208 20.83 24.37 10.93
CA ILE B 208 22.17 23.90 11.28
C ILE B 208 23.26 24.50 10.38
N CYS B 209 22.96 24.68 9.10
CA CYS B 209 23.91 25.30 8.18
C CYS B 209 24.11 26.76 8.51
N ILE B 210 23.01 27.47 8.80
CA ILE B 210 23.10 28.87 9.19
C ILE B 210 23.92 29.02 10.47
N GLN B 211 23.61 28.18 11.45
CA GLN B 211 24.31 28.16 12.74
C GLN B 211 25.82 27.92 12.58
N GLN B 212 26.18 27.20 11.53
CA GLN B 212 27.57 26.86 11.26
C GLN B 212 28.26 27.86 10.34
N GLY B 213 27.56 28.93 10.01
CA GLY B 213 28.17 30.02 9.26
C GLY B 213 27.64 30.26 7.86
N TRP B 214 26.71 29.43 7.40
CA TRP B 214 26.22 29.59 6.03
C TRP B 214 25.35 30.84 5.91
N LYS B 215 25.66 31.66 4.91
CA LYS B 215 24.92 32.88 4.64
C LYS B 215 23.74 32.60 3.70
N PRO B 216 22.53 32.54 4.25
CA PRO B 216 21.36 32.13 3.46
C PRO B 216 20.80 33.26 2.59
N PRO B 217 20.54 32.98 1.30
CA PRO B 217 19.90 33.94 0.40
C PRO B 217 18.41 34.19 0.71
N ARG B 218 17.80 33.28 1.48
CA ARG B 218 16.37 33.34 1.82
C ARG B 218 15.48 33.47 0.59
N GLY B 219 15.72 32.60 -0.38
CA GLY B 219 14.87 32.50 -1.55
C GLY B 219 14.03 31.25 -1.45
N ARG B 220 13.32 30.91 -2.52
CA ARG B 220 12.43 29.76 -2.47
C ARG B 220 13.15 28.49 -2.90
N PHE B 221 14.20 28.64 -3.71
CA PHE B 221 14.98 27.49 -4.17
C PHE B 221 16.48 27.76 -4.06
N ASP B 222 16.92 27.97 -2.83
CA ASP B 222 18.34 28.09 -2.52
C ASP B 222 18.94 26.70 -2.35
N VAL B 223 19.92 26.37 -3.20
CA VAL B 223 20.64 25.12 -3.06
C VAL B 223 21.45 25.13 -1.77
N LEU B 224 21.28 24.11 -0.94
CA LEU B 224 22.01 24.06 0.33
C LEU B 224 23.48 23.79 0.12
N PRO B 225 24.32 24.24 1.07
CA PRO B 225 25.74 23.85 1.01
C PRO B 225 25.89 22.39 1.40
N LEU B 226 26.96 21.75 0.97
CA LEU B 226 27.34 20.45 1.53
C LEU B 226 27.88 20.66 2.95
N LEU B 227 27.55 19.73 3.83
CA LEU B 227 28.04 19.76 5.21
C LEU B 227 28.65 18.40 5.48
N LEU B 228 29.97 18.35 5.58
CA LEU B 228 30.67 17.07 5.46
C LEU B 228 31.54 16.75 6.66
N GLN B 229 31.38 15.53 7.15
CA GLN B 229 32.10 15.04 8.33
C GLN B 229 33.03 13.91 7.94
N ALA B 230 34.32 14.12 8.19
CA ALA B 230 35.36 13.13 7.88
C ALA B 230 36.01 12.61 9.16
N ASN B 231 36.11 11.28 9.27
CA ASN B 231 36.81 10.63 10.38
C ASN B 231 36.35 11.08 11.78
N GLY B 232 35.05 11.32 11.95
CA GLY B 232 34.51 11.70 13.24
C GLY B 232 34.70 13.15 13.66
N ASN B 233 35.37 13.94 12.83
CA ASN B 233 35.61 15.34 13.17
C ASN B 233 34.35 16.17 12.93
N ASP B 234 34.34 17.41 13.43
CA ASP B 234 33.24 18.33 13.17
C ASP B 234 33.02 18.48 11.66
N PRO B 235 31.76 18.63 11.24
CA PRO B 235 31.46 18.80 9.82
C PRO B 235 31.90 20.17 9.30
N GLU B 236 32.16 20.29 8.00
CA GLU B 236 32.59 21.56 7.41
C GLU B 236 31.70 21.91 6.21
N LEU B 237 31.48 23.19 5.96
CA LEU B 237 30.59 23.62 4.87
C LEU B 237 31.33 23.78 3.55
N PHE B 238 30.67 23.40 2.46
CA PHE B 238 31.18 23.59 1.10
C PHE B 238 30.05 23.95 0.13
N GLN B 239 30.29 24.93 -0.73
CA GLN B 239 29.37 25.23 -1.82
C GLN B 239 29.67 24.38 -3.07
N ILE B 240 28.69 23.60 -3.51
CA ILE B 240 28.81 22.92 -4.80
C ILE B 240 28.86 23.98 -5.89
N PRO B 241 29.88 23.91 -6.77
CA PRO B 241 29.95 24.92 -7.83
C PRO B 241 28.66 24.91 -8.63
N PRO B 242 28.05 26.08 -8.84
CA PRO B 242 26.73 26.18 -9.47
C PRO B 242 26.66 25.45 -10.82
N GLU B 243 27.73 25.53 -11.61
CA GLU B 243 27.69 24.91 -12.94
C GLU B 243 27.53 23.39 -12.87
N LEU B 244 27.74 22.80 -11.70
CA LEU B 244 27.56 21.36 -11.55
C LEU B 244 26.10 21.00 -11.22
N VAL B 245 25.31 22.00 -10.82
CA VAL B 245 23.94 21.77 -10.34
C VAL B 245 22.93 22.02 -11.46
N LEU B 246 22.52 20.95 -12.13
CA LEU B 246 21.56 21.06 -13.23
C LEU B 246 20.14 21.24 -12.67
N GLU B 247 19.42 22.24 -13.17
CA GLU B 247 18.08 22.52 -12.70
C GLU B 247 17.10 22.65 -13.86
N VAL B 248 15.84 22.31 -13.59
CA VAL B 248 14.79 22.39 -14.61
C VAL B 248 13.66 23.33 -14.19
N PRO B 249 13.44 24.39 -14.96
CA PRO B 249 12.27 25.24 -14.72
C PRO B 249 10.97 24.53 -15.15
N ILE B 250 9.99 24.49 -14.26
CA ILE B 250 8.75 23.74 -14.55
C ILE B 250 7.75 24.58 -15.33
N ARG B 251 7.40 24.13 -16.54
CA ARG B 251 6.32 24.75 -17.28
C ARG B 251 5.36 23.65 -17.77
N HIS B 252 4.23 24.07 -18.32
CA HIS B 252 3.15 23.17 -18.68
C HIS B 252 2.89 23.30 -20.17
N PRO B 253 2.71 22.18 -20.87
CA PRO B 253 2.53 22.18 -22.33
C PRO B 253 1.26 22.90 -22.83
N LYS B 254 0.31 23.19 -21.93
CA LYS B 254 -0.90 23.89 -22.36
C LYS B 254 -1.27 25.10 -21.50
N PHE B 255 -0.92 25.04 -20.22
CA PHE B 255 -1.20 26.15 -19.33
C PHE B 255 -0.04 27.14 -19.34
N GLU B 256 -0.16 28.19 -20.14
CA GLU B 256 0.95 29.12 -20.31
C GLU B 256 1.24 29.90 -19.02
N TRP B 257 0.27 29.92 -18.10
CA TRP B 257 0.45 30.63 -16.83
C TRP B 257 1.30 29.82 -15.84
N PHE B 258 1.58 28.57 -16.17
CA PHE B 258 2.26 27.71 -15.21
C PHE B 258 3.69 28.16 -14.94
N LYS B 259 4.36 28.65 -15.98
CA LYS B 259 5.73 29.14 -15.83
C LYS B 259 5.79 30.28 -14.82
N ASP B 260 4.69 31.03 -14.73
CA ASP B 260 4.59 32.19 -13.85
C ASP B 260 4.58 31.81 -12.37
N LEU B 261 4.28 30.54 -12.09
CA LEU B 261 4.35 30.00 -10.72
C LEU B 261 5.76 30.09 -10.13
N GLY B 262 6.76 30.17 -11.01
CA GLY B 262 8.15 30.29 -10.61
C GLY B 262 8.74 29.02 -10.05
N LEU B 263 8.15 27.87 -10.39
CA LEU B 263 8.65 26.59 -9.88
C LEU B 263 9.85 26.06 -10.64
N LYS B 264 10.69 25.32 -9.93
CA LYS B 264 11.85 24.66 -10.51
C LYS B 264 12.24 23.48 -9.64
N TRP B 265 13.08 22.60 -10.16
CA TRP B 265 13.65 21.54 -9.36
C TRP B 265 14.98 21.13 -9.95
N TYR B 266 15.72 20.30 -9.22
CA TYR B 266 17.04 19.87 -9.66
C TYR B 266 16.93 18.52 -10.37
N GLY B 267 17.84 18.26 -11.29
CA GLY B 267 17.75 17.06 -12.09
C GLY B 267 18.24 15.82 -11.40
N LEU B 268 19.10 15.98 -10.39
CA LEU B 268 19.81 14.83 -9.83
C LEU B 268 19.38 14.47 -8.40
N PRO B 269 18.68 13.33 -8.24
CA PRO B 269 18.34 12.83 -6.90
C PRO B 269 19.48 11.96 -6.39
N ALA B 270 20.12 12.38 -5.32
CA ALA B 270 21.28 11.69 -4.81
C ALA B 270 21.20 11.57 -3.29
N VAL B 271 20.76 10.41 -2.81
CA VAL B 271 20.51 10.24 -1.39
C VAL B 271 21.80 9.96 -0.66
N SER B 272 22.03 10.69 0.42
CA SER B 272 23.36 10.72 1.00
C SER B 272 23.38 10.40 2.49
N ASN B 273 22.24 9.96 3.04
CA ASN B 273 22.17 9.76 4.49
C ASN B 273 21.91 8.31 4.89
N MET B 274 21.99 7.40 3.94
CA MET B 274 21.84 5.99 4.29
C MET B 274 23.16 5.29 4.58
N LEU B 275 23.06 4.11 5.18
CA LEU B 275 24.22 3.30 5.46
C LEU B 275 24.28 2.06 4.56
N LEU B 276 25.45 1.83 3.97
CA LEU B 276 25.66 0.64 3.17
C LEU B 276 26.40 -0.43 3.95
N GLU B 277 25.76 -1.59 4.08
CA GLU B 277 26.40 -2.72 4.74
C GLU B 277 26.73 -3.84 3.77
N ILE B 278 27.98 -4.26 3.81
CA ILE B 278 28.52 -5.34 3.01
C ILE B 278 29.38 -6.23 3.89
N GLY B 279 29.04 -7.52 3.98
CA GLY B 279 29.85 -8.49 4.69
C GLY B 279 30.24 -8.08 6.10
N GLY B 280 29.31 -7.42 6.80
CA GLY B 280 29.54 -7.03 8.17
C GLY B 280 30.15 -5.64 8.31
N LEU B 281 30.64 -5.10 7.20
CA LEU B 281 31.28 -3.79 7.25
C LEU B 281 30.25 -2.72 7.01
N GLU B 282 30.43 -1.57 7.64
CA GLU B 282 29.44 -0.50 7.57
C GLU B 282 29.99 0.78 6.95
N PHE B 283 29.37 1.20 5.85
CA PHE B 283 29.78 2.42 5.17
C PHE B 283 28.79 3.55 5.44
N SER B 284 29.08 4.36 6.46
CA SER B 284 28.14 5.38 6.94
C SER B 284 28.01 6.57 6.00
N ALA B 285 28.89 6.66 5.01
CA ALA B 285 28.80 7.68 3.98
C ALA B 285 28.99 7.06 2.60
N CYS B 286 27.91 7.09 1.83
CA CYS B 286 27.85 6.42 0.54
C CYS B 286 26.79 7.05 -0.37
N PRO B 287 26.92 8.34 -0.66
CA PRO B 287 25.85 8.94 -1.48
C PRO B 287 25.65 8.18 -2.79
N PHE B 288 24.39 7.89 -3.10
CA PHE B 288 24.07 7.21 -4.34
C PHE B 288 22.97 7.96 -5.08
N SER B 289 23.03 7.91 -6.40
CA SER B 289 22.19 8.75 -7.21
C SER B 289 21.74 8.00 -8.45
N GLY B 290 20.64 8.48 -9.02
CA GLY B 290 20.07 7.87 -10.21
C GLY B 290 19.38 8.93 -11.05
N TRP B 291 18.12 8.69 -11.37
CA TRP B 291 17.32 9.73 -11.98
C TRP B 291 15.92 9.65 -11.40
N TYR B 292 15.12 10.68 -11.61
CA TYR B 292 13.82 10.82 -10.99
C TYR B 292 12.70 10.03 -11.66
N MET B 293 11.82 9.48 -10.85
CA MET B 293 10.46 9.16 -11.29
C MET B 293 9.62 10.41 -11.02
N GLY B 294 8.83 10.83 -12.00
CA GLY B 294 8.20 12.14 -11.96
C GLY B 294 7.40 12.46 -10.70
N THR B 295 6.79 11.44 -10.11
CA THR B 295 5.90 11.63 -8.97
C THR B 295 6.68 12.01 -7.71
N GLU B 296 7.98 11.71 -7.70
CA GLU B 296 8.81 12.01 -6.53
C GLU B 296 8.82 13.50 -6.30
N ILE B 297 8.92 14.24 -7.41
CA ILE B 297 8.83 15.69 -7.43
C ILE B 297 7.38 16.18 -7.43
N GLY B 298 6.61 15.70 -8.40
CA GLY B 298 5.30 16.26 -8.73
C GLY B 298 4.21 15.94 -7.73
N VAL B 299 4.30 14.77 -7.11
CA VAL B 299 3.33 14.38 -6.11
C VAL B 299 3.81 14.67 -4.67
N ARG B 300 4.94 14.09 -4.30
CA ARG B 300 5.42 14.18 -2.92
C ARG B 300 6.09 15.53 -2.62
N ASP B 301 7.12 15.88 -3.39
CA ASP B 301 7.91 17.10 -3.15
C ASP B 301 7.09 18.40 -3.29
N TYR B 302 6.10 18.41 -4.17
CA TYR B 302 5.32 19.63 -4.41
C TYR B 302 3.96 19.68 -3.73
N CYS B 303 3.36 18.51 -3.49
CA CYS B 303 1.96 18.44 -3.02
C CYS B 303 1.73 17.84 -1.63
N ASP B 304 2.77 17.30 -1.00
CA ASP B 304 2.64 16.92 0.41
C ASP B 304 2.28 18.17 1.20
N ASN B 305 1.37 18.02 2.16
CA ASN B 305 1.02 19.13 3.05
C ASN B 305 2.22 19.67 3.82
N SER B 306 3.16 18.77 4.14
CA SER B 306 4.35 19.11 4.91
C SER B 306 5.53 19.46 3.99
N ARG B 307 5.26 19.66 2.70
CA ARG B 307 6.28 20.04 1.73
C ARG B 307 5.91 21.36 1.04
N TYR B 308 6.11 21.46 -0.27
CA TYR B 308 5.90 22.75 -0.95
C TYR B 308 4.43 23.15 -1.04
N ASN B 309 3.54 22.15 -1.05
CA ASN B 309 2.10 22.35 -0.82
C ASN B 309 1.44 23.34 -1.81
N ILE B 310 1.62 23.10 -3.12
CA ILE B 310 1.21 24.06 -4.14
C ILE B 310 -0.16 23.80 -4.75
N LEU B 311 -0.84 22.73 -4.30
CA LEU B 311 -2.12 22.33 -4.89
C LEU B 311 -3.11 23.48 -4.93
N GLU B 312 -3.26 24.16 -3.80
CA GLU B 312 -4.13 25.32 -3.71
C GLU B 312 -3.85 26.32 -4.82
N GLU B 313 -2.58 26.71 -4.99
CA GLU B 313 -2.25 27.77 -5.94
C GLU B 313 -2.58 27.37 -7.36
N VAL B 314 -2.23 26.13 -7.71
CA VAL B 314 -2.53 25.59 -9.04
C VAL B 314 -4.04 25.50 -9.32
N ALA B 315 -4.77 24.85 -8.43
CA ALA B 315 -6.22 24.72 -8.59
C ALA B 315 -6.89 26.08 -8.74
N LYS B 316 -6.32 27.08 -8.08
CA LYS B 316 -6.80 28.44 -8.21
C LYS B 316 -6.60 28.95 -9.64
N LYS B 317 -5.37 28.83 -10.15
CA LYS B 317 -5.05 29.26 -11.52
C LYS B 317 -5.82 28.45 -12.57
N MET B 318 -6.27 27.26 -12.20
CA MET B 318 -7.12 26.44 -13.07
C MET B 318 -8.60 26.78 -12.91
N ASN B 319 -8.89 27.77 -12.06
CA ASN B 319 -10.26 28.19 -11.78
C ASN B 319 -11.18 27.04 -11.38
N LEU B 320 -10.66 26.10 -10.58
CA LEU B 320 -11.47 24.98 -10.13
C LEU B 320 -12.33 25.37 -8.93
N ASP B 321 -13.50 24.74 -8.83
CA ASP B 321 -14.37 24.92 -7.67
C ASP B 321 -13.80 24.15 -6.49
N MET B 322 -13.31 24.87 -5.49
CA MET B 322 -12.60 24.25 -4.38
C MET B 322 -13.40 24.17 -3.07
N ARG B 323 -14.69 24.46 -3.10
CA ARG B 323 -15.51 24.43 -1.87
C ARG B 323 -15.71 23.02 -1.31
N LYS B 324 -16.14 22.07 -2.16
CA LYS B 324 -16.35 20.69 -1.73
C LYS B 324 -15.24 19.78 -2.22
N THR B 325 -14.85 18.81 -1.39
CA THR B 325 -13.77 17.91 -1.77
C THR B 325 -14.18 16.96 -2.89
N SER B 326 -15.48 16.64 -2.97
CA SER B 326 -15.99 15.66 -3.95
C SER B 326 -15.98 16.20 -5.37
N SER B 327 -15.50 17.43 -5.55
CA SER B 327 -15.25 17.95 -6.89
C SER B 327 -13.91 17.44 -7.44
N LEU B 328 -13.18 16.71 -6.60
CA LEU B 328 -11.85 16.19 -6.91
C LEU B 328 -10.89 17.26 -7.46
N TRP B 329 -11.06 18.49 -7.02
CA TRP B 329 -10.19 19.56 -7.51
C TRP B 329 -8.72 19.27 -7.18
N LYS B 330 -8.47 18.68 -6.02
CA LYS B 330 -7.11 18.28 -5.67
C LYS B 330 -6.53 17.29 -6.68
N ASP B 331 -7.35 16.31 -7.07
CA ASP B 331 -6.90 15.26 -7.96
C ASP B 331 -6.62 15.81 -9.35
N GLN B 332 -7.46 16.73 -9.81
CA GLN B 332 -7.24 17.38 -11.09
C GLN B 332 -5.93 18.16 -11.10
N ALA B 333 -5.71 18.96 -10.05
CA ALA B 333 -4.49 19.77 -9.94
C ALA B 333 -3.27 18.90 -9.85
N LEU B 334 -3.39 17.77 -9.16
CA LEU B 334 -2.23 16.90 -9.00
C LEU B 334 -1.75 16.35 -10.35
N VAL B 335 -2.69 15.93 -11.20
CA VAL B 335 -2.34 15.39 -12.51
C VAL B 335 -1.69 16.46 -13.38
N GLU B 336 -2.22 17.67 -13.36
CA GLU B 336 -1.65 18.74 -14.17
C GLU B 336 -0.23 19.09 -13.76
N ILE B 337 0.07 18.98 -12.46
CA ILE B 337 1.39 19.30 -11.96
C ILE B 337 2.38 18.26 -12.43
N ASN B 338 1.98 17.00 -12.38
CA ASN B 338 2.88 15.92 -12.76
C ASN B 338 3.09 15.88 -14.28
N ILE B 339 2.09 16.34 -15.02
CA ILE B 339 2.23 16.51 -16.46
C ILE B 339 3.33 17.52 -16.76
N ALA B 340 3.29 18.65 -16.04
CA ALA B 340 4.23 19.74 -16.22
C ALA B 340 5.65 19.32 -15.92
N VAL B 341 5.83 18.59 -14.82
CA VAL B 341 7.16 18.15 -14.41
C VAL B 341 7.78 17.27 -15.49
N LEU B 342 7.01 16.29 -15.97
CA LEU B 342 7.50 15.37 -17.00
C LEU B 342 7.82 16.13 -18.29
N TYR B 343 6.93 17.03 -18.68
CA TYR B 343 7.13 17.82 -19.87
C TYR B 343 8.38 18.70 -19.79
N SER B 344 8.65 19.27 -18.63
CA SER B 344 9.75 20.19 -18.42
C SER B 344 11.09 19.47 -18.52
N PHE B 345 11.23 18.40 -17.77
CA PHE B 345 12.40 17.56 -17.86
C PHE B 345 12.67 17.07 -19.27
N GLN B 346 11.63 16.57 -19.92
CA GLN B 346 11.78 15.99 -21.25
C GLN B 346 12.19 17.04 -22.26
N SER B 347 11.54 18.21 -22.21
CA SER B 347 11.91 19.30 -23.10
C SER B 347 13.37 19.75 -22.91
N ASP B 348 13.91 19.57 -21.70
CA ASP B 348 15.30 19.96 -21.41
C ASP B 348 16.26 18.79 -21.53
N LYS B 349 15.78 17.67 -22.07
CA LYS B 349 16.61 16.48 -22.26
C LYS B 349 17.30 16.06 -20.97
N VAL B 350 16.56 16.10 -19.87
CA VAL B 350 17.04 15.60 -18.59
C VAL B 350 16.27 14.32 -18.28
N THR B 351 17.01 13.25 -18.04
CA THR B 351 16.42 11.95 -17.79
C THR B 351 15.37 11.97 -16.67
N ILE B 352 14.21 11.42 -16.97
CA ILE B 352 13.13 11.26 -16.01
C ILE B 352 12.24 10.12 -16.52
N VAL B 353 11.60 9.40 -15.59
CA VAL B 353 10.68 8.34 -15.98
C VAL B 353 9.32 8.59 -15.34
N ASP B 354 8.25 8.38 -16.10
CA ASP B 354 6.91 8.52 -15.54
C ASP B 354 6.58 7.24 -14.76
N HIS B 355 5.56 7.32 -13.91
CA HIS B 355 5.25 6.20 -13.04
C HIS B 355 4.63 5.01 -13.80
N HIS B 356 4.08 5.24 -14.99
CA HIS B 356 3.58 4.11 -15.78
C HIS B 356 4.72 3.29 -16.35
N SER B 357 5.67 3.99 -16.96
CA SER B 357 6.82 3.33 -17.54
C SER B 357 7.67 2.65 -16.48
N ALA B 358 7.86 3.32 -15.32
CA ALA B 358 8.69 2.77 -14.24
C ALA B 358 8.12 1.48 -13.65
N THR B 359 6.83 1.49 -13.34
CA THR B 359 6.19 0.33 -12.73
C THR B 359 6.13 -0.83 -13.72
N GLU B 360 5.82 -0.51 -14.96
CA GLU B 360 5.89 -1.50 -16.04
C GLU B 360 7.30 -2.12 -16.11
N SER B 361 8.33 -1.28 -16.06
CA SER B 361 9.70 -1.78 -16.06
CA SER B 361 9.70 -1.78 -16.06
C SER B 361 9.94 -2.67 -14.84
N PHE B 362 9.41 -2.27 -13.70
CA PHE B 362 9.60 -3.05 -12.47
C PHE B 362 8.93 -4.44 -12.54
N ILE B 363 7.74 -4.51 -13.13
CA ILE B 363 7.10 -5.80 -13.36
C ILE B 363 7.98 -6.74 -14.19
N LYS B 364 8.58 -6.20 -15.24
CA LYS B 364 9.49 -6.98 -16.09
C LYS B 364 10.73 -7.40 -15.30
N HIS B 365 11.23 -6.50 -14.45
CA HIS B 365 12.34 -6.80 -13.57
C HIS B 365 12.01 -7.95 -12.60
N MET B 366 10.82 -7.93 -11.99
CA MET B 366 10.42 -9.01 -11.10
C MET B 366 10.47 -10.35 -11.83
N GLU B 367 9.90 -10.37 -13.03
CA GLU B 367 9.90 -11.57 -13.85
C GLU B 367 11.33 -12.04 -14.16
N ASN B 368 12.23 -11.10 -14.42
CA ASN B 368 13.64 -11.42 -14.61
C ASN B 368 14.25 -12.09 -13.38
N GLU B 369 14.04 -11.46 -12.22
CA GLU B 369 14.61 -11.92 -10.96
C GLU B 369 14.06 -13.28 -10.54
N TYR B 370 12.75 -13.47 -10.70
CA TYR B 370 12.20 -14.78 -10.36
C TYR B 370 12.82 -15.88 -11.22
N ARG B 371 13.04 -15.59 -12.49
CA ARG B 371 13.64 -16.57 -13.37
C ARG B 371 15.10 -16.84 -13.02
N CYS B 372 15.91 -15.81 -12.88
CA CYS B 372 17.34 -16.09 -12.71
C CYS B 372 17.76 -16.21 -11.25
N ARG B 373 16.96 -15.70 -10.32
CA ARG B 373 17.40 -15.61 -8.93
C ARG B 373 16.48 -16.32 -7.91
N GLY B 374 15.28 -16.71 -8.33
CA GLY B 374 14.38 -17.44 -7.45
C GLY B 374 13.47 -16.51 -6.64
N GLY B 375 13.52 -15.22 -6.96
CA GLY B 375 12.63 -14.27 -6.33
C GLY B 375 13.11 -12.83 -6.39
N CYS B 376 12.34 -11.94 -5.78
CA CYS B 376 12.67 -10.53 -5.74
C CYS B 376 11.97 -9.86 -4.56
N PRO B 377 12.73 -9.47 -3.53
CA PRO B 377 12.10 -8.79 -2.39
C PRO B 377 11.55 -7.44 -2.80
N ALA B 378 10.30 -7.19 -2.44
CA ALA B 378 9.63 -5.98 -2.90
C ALA B 378 8.55 -5.53 -1.92
N ASP B 379 8.53 -4.22 -1.68
CA ASP B 379 7.68 -3.62 -0.67
C ASP B 379 6.55 -2.86 -1.36
N TRP B 380 5.39 -3.52 -1.46
CA TRP B 380 4.21 -2.97 -2.14
C TRP B 380 3.90 -1.54 -1.71
N VAL B 381 4.08 -1.27 -0.42
CA VAL B 381 3.68 0.01 0.15
C VAL B 381 4.49 1.16 -0.47
N TRP B 382 5.76 0.88 -0.79
CA TRP B 382 6.63 1.86 -1.42
C TRP B 382 6.69 1.74 -2.95
N ILE B 383 6.53 0.52 -3.49
CA ILE B 383 6.61 0.34 -4.93
C ILE B 383 5.44 1.02 -5.68
N VAL B 384 4.22 0.87 -5.16
CA VAL B 384 3.04 1.49 -5.77
C VAL B 384 3.14 3.00 -5.70
N PRO B 385 2.96 3.65 -6.86
CA PRO B 385 3.20 5.10 -6.92
C PRO B 385 2.16 5.90 -6.14
N PRO B 386 2.52 7.10 -5.70
CA PRO B 386 1.67 7.91 -4.81
C PRO B 386 0.47 8.55 -5.52
N MET B 387 0.29 8.28 -6.81
CA MET B 387 -0.94 8.68 -7.50
C MET B 387 -1.31 7.60 -8.51
N SER B 388 -2.59 7.52 -8.86
CA SER B 388 -3.05 6.61 -9.90
C SER B 388 -2.65 5.15 -9.66
N GLY B 389 -2.60 4.73 -8.39
CA GLY B 389 -2.10 3.42 -8.05
C GLY B 389 -2.61 2.24 -8.85
N SER B 390 -3.92 2.08 -8.94
CA SER B 390 -4.45 0.85 -9.52
C SER B 390 -4.45 0.82 -11.04
N ILE B 391 -4.15 1.95 -11.69
CA ILE B 391 -3.99 1.93 -13.13
C ILE B 391 -2.51 1.75 -13.53
N THR B 392 -1.68 1.33 -12.57
CA THR B 392 -0.33 0.84 -12.85
C THR B 392 -0.30 -0.63 -12.51
N PRO B 393 0.57 -1.41 -13.17
CA PRO B 393 0.52 -2.87 -13.00
C PRO B 393 0.99 -3.37 -11.62
N VAL B 394 1.75 -2.58 -10.89
CA VAL B 394 2.25 -3.05 -9.59
C VAL B 394 1.15 -3.13 -8.52
N PHE B 395 0.09 -2.36 -8.69
CA PHE B 395 -1.04 -2.40 -7.76
C PHE B 395 -1.61 -3.81 -7.62
N HIS B 396 -1.70 -4.53 -8.75
CA HIS B 396 -2.34 -5.85 -8.80
C HIS B 396 -1.33 -6.97 -8.63
N GLN B 397 -0.11 -6.58 -8.30
CA GLN B 397 1.01 -7.52 -8.18
C GLN B 397 1.30 -7.86 -6.72
N GLU B 398 1.03 -9.10 -6.33
CA GLU B 398 1.41 -9.56 -5.01
C GLU B 398 2.93 -9.55 -4.88
N MET B 399 3.43 -9.07 -3.76
CA MET B 399 4.87 -9.01 -3.55
C MET B 399 5.23 -9.63 -2.22
N LEU B 400 6.42 -10.21 -2.14
CA LEU B 400 6.94 -10.71 -0.87
C LEU B 400 8.08 -9.82 -0.43
N ASN B 401 7.99 -9.32 0.79
CA ASN B 401 9.05 -8.47 1.27
C ASN B 401 9.88 -9.19 2.32
N TYR B 402 11.20 -9.19 2.08
CA TYR B 402 12.14 -9.82 2.98
C TYR B 402 13.48 -9.14 2.82
N ARG B 403 14.40 -9.40 3.75
CA ARG B 403 15.61 -8.60 3.82
C ARG B 403 16.86 -9.41 3.44
N LEU B 404 17.52 -9.00 2.37
CA LEU B 404 18.74 -9.66 1.94
C LEU B 404 19.92 -8.71 2.13
N THR B 405 21.10 -9.27 2.34
CA THR B 405 22.29 -8.45 2.46
C THR B 405 23.28 -8.82 1.34
N PRO B 406 24.08 -7.84 0.85
CA PRO B 406 24.26 -6.42 1.18
C PRO B 406 22.97 -5.60 1.11
N SER B 407 22.90 -4.56 1.93
CA SER B 407 21.72 -3.72 1.94
C SER B 407 22.04 -2.27 2.22
N PHE B 408 21.09 -1.40 1.88
CA PHE B 408 21.08 -0.02 2.34
C PHE B 408 20.20 0.06 3.59
N GLU B 409 20.72 0.65 4.65
CA GLU B 409 19.96 0.78 5.90
C GLU B 409 19.80 2.23 6.29
N TYR B 410 18.75 2.49 7.06
CA TYR B 410 18.62 3.76 7.76
C TYR B 410 19.65 3.86 8.88
N GLN B 411 20.00 5.09 9.22
CA GLN B 411 20.89 5.37 10.35
C GLN B 411 20.43 6.68 10.97
N PRO B 412 20.76 6.90 12.24
CA PRO B 412 20.34 8.15 12.88
C PRO B 412 21.00 9.40 12.28
N ASP B 413 20.26 10.50 12.26
CA ASP B 413 20.80 11.79 11.84
C ASP B 413 22.00 12.18 12.69
N PRO B 414 23.10 12.63 12.02
CA PRO B 414 24.38 12.87 12.69
C PRO B 414 24.30 13.86 13.84
N TRP B 415 23.39 14.84 13.75
CA TRP B 415 23.35 15.88 14.77
C TRP B 415 22.78 15.37 16.09
N ASN B 416 22.32 14.13 16.12
CA ASN B 416 21.83 13.52 17.36
C ASN B 416 22.87 12.64 18.03
N THR B 417 23.94 12.31 17.29
CA THR B 417 25.00 11.44 17.80
C THR B 417 26.27 12.20 18.08
N HIS B 418 26.70 12.99 17.10
CA HIS B 418 27.95 13.72 17.14
C HIS B 418 28.04 14.72 18.30
N VAL B 419 29.17 14.69 18.99
CA VAL B 419 29.48 15.72 19.96
C VAL B 419 30.66 16.52 19.41
N TRP B 420 30.50 17.84 19.40
CA TRP B 420 31.39 18.74 18.69
C TRP B 420 32.72 18.98 19.39
N LYS B 421 33.33 20.11 19.08
CA LYS B 421 34.46 20.63 19.85
C LYS B 421 33.96 21.03 21.24
#